data_5L5N
#
_entry.id   5L5N
#
_cell.length_a   189.480
_cell.length_b   189.480
_cell.length_c   252.590
_cell.angle_alpha   90.00
_cell.angle_beta   90.00
_cell.angle_gamma   90.00
#
_symmetry.space_group_name_H-M   'P 43 2 2'
#
_entity_poly.entity_id   1
_entity_poly.type   'polypeptide(L)'
_entity_poly.pdbx_seq_one_letter_code
;ETGKPSFVTFRGEPAEGFNHLVVDERTGHIYLGAVNRIYKLSSDLKVLVTHQTGPDEDNPKCYPPRIVQTCNEPLASTNN
VNKMLLIDYKENRLIACGSLYQGICKLLRLEDLFKLGEPFHKKEHYLSGVNESGSVFGVIVSYSNFDDKLFIATAVDGKP
EYFPTISSRKLTKNSEADGMFAYVFHDEFVASMIKIPSDTFTVIPDFDIYYVYGFSSGNFVYFLTLQPEMVSPPGSTTKE
QVYTSKLVRLCKEDTAFNSYVEVPIGCERNGVEYRLLQAAYLSKAGAVLGRTLGVRPDDDLLFTVFSKGQKRKMKSLDES
ALCIFILKQINDRIKDRLQSCYRGEGTLDLAWLKVKDIPCSSALLTIDDNFCGLDMNAPLGVSEMVRGIPVFTEDRDRMT
SVIAYVYKNHSLAFVGTKSGKLKKIRVDGPKGNALQYETVQVVDSGPVLRDMAFSKDHEQLYIMSERQLTRVPVESCGQY
RSCGECLGSGDPHCGWCVLHNTCTRKERCERSREPRRFASEMKQCVRLTVHPNNISVSQYNVLLVLETYNVPELSAGVNC
TFEDLSEMDGLVIGNQIQCYSPAAKEVPRIITENGDHHVVQLQLKSKETGMTFASTSFVFYNCSVHNSCLSCVESPYRCH
WCKYRHVCTHDPNTCSFQEGRVKLPEDCPQLLRVDKILVPVEVIKPITLKAKNLPQPQSGQRGYECILNIQGIEQRVPAL
RFNSSSVQCQNTSYSYEGMEINNLPVELTVVWNGHFNIDNPAQNKVYLYKCGAMRESCGLCLKADPDFECGWCQSPGQCT
LRQHCPAHESRWLELSGANSKCTNPRITEIIPVTGPREGGTKVTIRGENLGLEFRDIASHVKVAGVECSPLVDGYIPAEQ
IVCEMGEAKPSQHAGFVEICVAVCRPEFMARSSQLYYFMTLTLADLKPNRGPMSGGTQVTITGTNLNAGSNVVVMFGSQP
CLFHRRSPSYIICNTTSSEEVLDMKVTVQVDRARIRQDLVFQYVEDPTIVRIEPEWSIVSGNTPIAVWGTHLDLIQNPQI
RAKHGGKEHINICEVLNATEMTCQAPALALGPDHQSDLTERPEEFGFILDNVQSLLILNKTNFTYYPNPVFEAFSPSGIL
ELKPGTPIILKGKNLIPPVAGGNVKLNYTVLVGEKPCTVTVSDVQLLCESPNLIGRHKVMARVGGMEYSPGMVYIAPGRT
KHHHHHH
;
_entity_poly.pdbx_strand_id   A
#
# COMPACT_ATOMS: atom_id res chain seq x y z
N PRO A 5 14.84 1.46 12.80
CA PRO A 5 15.08 2.15 14.10
C PRO A 5 13.87 1.90 14.93
N SER A 6 14.02 1.92 16.27
CA SER A 6 12.89 1.70 17.13
C SER A 6 12.70 2.94 17.93
N PHE A 7 11.46 3.19 18.38
CA PHE A 7 11.22 4.40 19.11
C PHE A 7 11.41 4.16 20.57
N VAL A 8 12.01 5.15 21.26
CA VAL A 8 12.27 4.97 22.66
C VAL A 8 10.98 5.03 23.39
N THR A 9 10.77 4.09 24.34
CA THR A 9 9.53 4.16 25.02
C THR A 9 9.65 3.74 26.44
N PHE A 10 8.59 4.06 27.21
CA PHE A 10 8.43 3.73 28.58
C PHE A 10 7.19 2.89 28.63
N ARG A 11 7.33 1.65 29.11
CA ARG A 11 6.19 0.78 29.19
C ARG A 11 5.56 1.10 30.49
N GLY A 12 4.23 0.87 30.62
CA GLY A 12 3.52 1.16 31.83
C GLY A 12 4.29 0.52 32.89
N GLU A 13 5.07 1.34 33.66
CA GLU A 13 5.93 0.79 34.67
C GLU A 13 4.97 0.09 35.54
N PRO A 14 3.96 0.76 35.99
CA PRO A 14 2.92 -0.10 36.40
C PRO A 14 2.39 -0.49 35.07
N ALA A 15 2.54 -1.77 34.76
CA ALA A 15 2.05 -2.41 33.59
C ALA A 15 0.56 -2.28 33.71
N GLU A 16 0.08 -2.11 34.94
CA GLU A 16 -1.30 -2.03 35.31
C GLU A 16 -2.10 -0.88 34.66
N GLY A 17 -1.62 0.41 34.60
CA GLY A 17 -2.45 1.55 34.11
C GLY A 17 -1.63 2.77 33.44
N PHE A 18 -2.22 4.02 33.01
CA PHE A 18 -1.71 5.39 32.59
C PHE A 18 -2.80 6.50 32.36
N ASN A 19 -2.60 7.84 32.74
CA ASN A 19 -3.63 8.88 32.62
C ASN A 19 -3.17 10.26 32.09
N HIS A 20 -2.06 10.86 32.59
CA HIS A 20 -1.70 12.20 32.13
C HIS A 20 -0.20 12.34 31.98
N LEU A 21 0.25 13.33 31.16
CA LEU A 21 1.66 13.50 30.90
C LEU A 21 1.96 14.98 30.77
N VAL A 22 3.14 15.42 31.25
CA VAL A 22 3.54 16.81 31.12
C VAL A 22 5.03 16.92 31.08
N VAL A 23 5.55 17.98 30.42
CA VAL A 23 6.98 18.15 30.29
C VAL A 23 7.42 19.41 30.97
N ASP A 24 8.57 19.36 31.67
CA ASP A 24 9.13 20.50 32.33
C ASP A 24 9.88 21.27 31.30
N GLU A 25 9.59 22.57 31.20
CA GLU A 25 10.17 23.36 30.15
C GLU A 25 11.66 23.40 30.29
N ARG A 26 12.19 23.60 31.50
CA ARG A 26 13.62 23.67 31.58
C ARG A 26 14.32 22.36 31.44
N THR A 27 13.95 21.37 32.28
CA THR A 27 14.65 20.12 32.36
C THR A 27 14.40 19.19 31.21
N GLY A 28 13.13 19.03 30.79
CA GLY A 28 12.83 18.07 29.77
C GLY A 28 12.44 16.81 30.45
N HIS A 29 12.40 16.82 31.79
CA HIS A 29 11.97 15.64 32.50
C HIS A 29 10.51 15.51 32.22
N ILE A 30 10.02 14.25 32.14
CA ILE A 30 8.64 14.05 31.83
C ILE A 30 7.95 13.44 33.01
N TYR A 31 6.85 14.08 33.45
CA TYR A 31 6.10 13.60 34.57
C TYR A 31 4.87 12.93 34.02
N LEU A 32 4.52 11.75 34.59
CA LEU A 32 3.40 11.03 34.06
C LEU A 32 2.43 10.65 35.14
N GLY A 33 1.20 11.20 35.06
CA GLY A 33 0.17 10.87 35.98
C GLY A 33 -0.42 9.54 35.59
N ALA A 34 -0.76 8.73 36.62
CA ALA A 34 -1.36 7.45 36.35
C ALA A 34 -2.20 7.07 37.54
N VAL A 35 -2.93 5.94 37.41
CA VAL A 35 -3.73 5.47 38.50
C VAL A 35 -2.77 4.87 39.49
N ASN A 36 -2.84 5.33 40.75
CA ASN A 36 -2.04 4.81 41.82
C ASN A 36 -0.58 5.12 41.64
N ARG A 37 -0.19 5.88 40.60
CA ARG A 37 1.22 6.10 40.42
C ARG A 37 1.44 7.44 39.77
N ILE A 38 2.60 8.08 40.08
CA ILE A 38 3.01 9.28 39.40
C ILE A 38 4.48 9.11 39.12
N TYR A 39 4.91 9.24 37.84
CA TYR A 39 6.28 8.89 37.54
C TYR A 39 7.01 10.10 37.06
N LYS A 40 8.34 10.11 37.27
CA LYS A 40 9.22 11.14 36.79
C LYS A 40 10.17 10.44 35.86
N LEU A 41 10.26 10.90 34.58
CA LEU A 41 11.07 10.21 33.60
C LEU A 41 12.02 11.16 32.95
N SER A 42 13.09 10.60 32.33
CA SER A 42 14.07 11.38 31.63
C SER A 42 13.54 11.65 30.25
N SER A 43 14.26 12.49 29.48
CA SER A 43 13.84 12.89 28.16
C SER A 43 13.76 11.67 27.28
N ASP A 44 14.64 10.69 27.57
CA ASP A 44 14.81 9.42 26.91
C ASP A 44 13.73 8.46 27.31
N LEU A 45 12.92 8.80 28.34
CA LEU A 45 11.88 7.93 28.85
C LEU A 45 12.40 6.85 29.73
N LYS A 46 13.55 7.08 30.40
CA LYS A 46 14.05 6.17 31.40
C LYS A 46 13.33 6.52 32.66
N VAL A 47 13.12 5.55 33.58
CA VAL A 47 12.39 5.79 34.80
C VAL A 47 13.28 6.48 35.79
N LEU A 48 12.98 7.76 36.11
CA LEU A 48 13.68 8.49 37.14
C LEU A 48 13.19 8.18 38.54
N VAL A 49 11.86 8.21 38.78
CA VAL A 49 11.34 7.99 40.12
C VAL A 49 9.90 7.59 40.03
N THR A 50 9.43 6.72 40.96
CA THR A 50 8.06 6.29 40.97
C THR A 50 7.46 6.59 42.31
N HIS A 51 6.25 7.16 42.32
CA HIS A 51 5.58 7.55 43.53
C HIS A 51 4.37 6.69 43.66
N GLN A 52 4.05 6.23 44.90
CA GLN A 52 2.88 5.43 45.10
C GLN A 52 1.83 6.32 45.69
N THR A 53 0.83 6.66 44.87
CA THR A 53 -0.35 7.40 45.23
C THR A 53 -1.49 6.48 45.56
N GLY A 54 -1.36 5.19 45.18
CA GLY A 54 -2.43 4.23 45.02
C GLY A 54 -3.03 3.61 46.23
N PRO A 55 -3.65 2.53 45.78
CA PRO A 55 -4.74 1.89 46.45
C PRO A 55 -4.95 2.26 47.87
N ASP A 56 -6.08 2.95 48.11
CA ASP A 56 -6.43 3.42 49.41
C ASP A 56 -7.77 2.85 49.77
N GLU A 57 -7.97 2.51 51.05
CA GLU A 57 -9.25 2.02 51.47
C GLU A 57 -10.14 3.23 51.52
N ASP A 58 -11.29 3.17 50.80
CA ASP A 58 -12.12 4.34 50.74
C ASP A 58 -13.46 3.97 50.17
N ASN A 59 -14.40 4.95 50.11
CA ASN A 59 -15.70 4.77 49.53
C ASN A 59 -16.17 6.09 49.00
N PRO A 60 -16.59 6.11 47.75
CA PRO A 60 -17.03 7.32 47.08
C PRO A 60 -18.21 7.99 47.73
N LYS A 61 -19.12 7.20 48.33
CA LYS A 61 -20.34 7.71 48.91
C LYS A 61 -20.06 8.56 50.10
N CYS A 62 -18.99 8.25 50.86
CA CYS A 62 -18.77 8.96 52.09
C CYS A 62 -18.33 10.38 51.86
N TYR A 63 -18.87 11.31 52.67
CA TYR A 63 -18.46 12.68 52.55
C TYR A 63 -17.57 12.85 53.73
N PRO A 64 -16.86 13.95 53.87
CA PRO A 64 -15.52 13.87 54.41
C PRO A 64 -15.01 12.47 54.65
N PRO A 65 -14.03 12.14 53.85
CA PRO A 65 -13.49 10.80 53.80
C PRO A 65 -13.13 10.33 55.17
N ARG A 66 -12.84 9.01 55.29
CA ARG A 66 -12.66 8.27 56.52
C ARG A 66 -11.74 8.99 57.44
N ILE A 67 -10.67 9.64 56.94
CA ILE A 67 -9.74 10.20 57.87
C ILE A 67 -10.39 11.22 58.75
N VAL A 68 -11.18 12.16 58.19
CA VAL A 68 -11.81 13.17 58.98
C VAL A 68 -12.90 12.62 59.86
N GLN A 69 -13.83 11.82 59.29
CA GLN A 69 -14.95 11.38 60.07
C GLN A 69 -15.25 9.95 59.75
N THR A 70 -16.03 9.30 60.63
CA THR A 70 -16.37 7.91 60.43
C THR A 70 -17.48 7.84 59.44
N CYS A 71 -17.44 6.80 58.57
CA CYS A 71 -18.43 6.62 57.55
C CYS A 71 -19.10 5.31 57.82
N ASN A 72 -20.46 5.29 57.72
CA ASN A 72 -21.20 4.09 57.97
C ASN A 72 -20.92 3.10 56.88
N GLU A 73 -20.75 3.57 55.62
CA GLU A 73 -20.60 2.64 54.54
C GLU A 73 -19.26 1.97 54.56
N PRO A 74 -19.32 0.73 54.14
CA PRO A 74 -18.19 -0.16 54.10
C PRO A 74 -17.15 0.34 53.15
N LEU A 75 -15.86 0.12 53.48
CA LEU A 75 -14.80 0.58 52.63
C LEU A 75 -14.21 -0.60 51.91
N ALA A 76 -13.51 -0.32 50.79
CA ALA A 76 -12.83 -1.32 50.03
C ALA A 76 -11.59 -0.69 49.46
N SER A 77 -10.52 -1.49 49.23
CA SER A 77 -9.34 -0.91 48.67
C SER A 77 -9.69 -0.54 47.27
N THR A 78 -9.50 0.75 46.92
CA THR A 78 -9.90 1.19 45.61
C THR A 78 -8.73 1.93 45.01
N ASN A 79 -8.78 2.12 43.67
CA ASN A 79 -7.70 2.74 42.95
C ASN A 79 -7.86 4.24 42.95
N ASN A 80 -6.73 4.97 43.09
CA ASN A 80 -6.78 6.41 43.10
C ASN A 80 -6.31 6.90 41.76
N VAL A 81 -7.23 7.50 40.98
CA VAL A 81 -6.92 7.93 39.64
C VAL A 81 -6.41 9.34 39.64
N ASN A 82 -5.29 9.57 38.93
CA ASN A 82 -4.76 10.90 38.78
C ASN A 82 -5.68 11.62 37.84
N LYS A 83 -6.46 12.57 38.38
CA LYS A 83 -7.40 13.37 37.64
C LYS A 83 -6.71 14.44 36.87
N MET A 84 -5.66 15.05 37.48
CA MET A 84 -5.05 16.21 36.89
C MET A 84 -3.60 16.25 37.25
N LEU A 85 -2.82 17.06 36.51
CA LEU A 85 -1.42 17.18 36.79
C LEU A 85 -0.99 18.55 36.32
N LEU A 86 -0.31 19.35 37.18
CA LEU A 86 0.05 20.66 36.71
C LEU A 86 1.39 21.04 37.29
N ILE A 87 2.30 21.59 36.45
CA ILE A 87 3.61 21.93 36.93
C ILE A 87 3.63 23.33 37.47
N ASP A 88 4.06 23.44 38.74
CA ASP A 88 4.22 24.71 39.40
C ASP A 88 5.69 24.96 39.52
N TYR A 89 6.27 25.66 38.51
CA TYR A 89 7.67 25.95 38.43
C TYR A 89 8.10 26.83 39.56
N LYS A 90 7.31 27.86 39.88
CA LYS A 90 7.70 28.85 40.86
C LYS A 90 7.91 28.24 42.20
N GLU A 91 6.98 27.34 42.57
CA GLU A 91 6.93 26.59 43.79
C GLU A 91 7.90 25.44 43.74
N ASN A 92 8.44 25.12 42.55
CA ASN A 92 9.37 24.03 42.41
C ASN A 92 8.72 22.76 42.87
N ARG A 93 7.55 22.44 42.29
CA ARG A 93 6.81 21.27 42.69
C ARG A 93 5.86 20.87 41.59
N LEU A 94 4.98 19.90 41.89
CA LEU A 94 4.02 19.35 40.96
C LEU A 94 2.71 19.19 41.68
N ILE A 95 1.61 19.75 41.12
CA ILE A 95 0.34 19.55 41.76
C ILE A 95 -0.26 18.34 41.10
N ALA A 96 -0.45 17.25 41.87
CA ALA A 96 -0.94 16.08 41.21
C ALA A 96 -2.26 15.68 41.81
N CYS A 97 -3.37 16.23 41.29
CA CYS A 97 -4.63 16.03 41.94
C CYS A 97 -5.25 14.70 41.62
N GLY A 98 -5.60 13.96 42.69
CA GLY A 98 -6.17 12.66 42.53
C GLY A 98 -7.65 12.72 42.72
N SER A 99 -8.21 11.53 43.07
CA SER A 99 -9.61 11.29 43.30
C SER A 99 -9.67 10.43 44.53
N LEU A 100 -10.78 9.69 44.74
CA LEU A 100 -10.99 8.67 45.73
C LEU A 100 -10.79 9.08 47.16
N TYR A 101 -10.47 10.35 47.40
CA TYR A 101 -10.38 11.06 48.64
C TYR A 101 -11.51 12.01 48.79
N GLN A 102 -12.46 12.02 47.84
CA GLN A 102 -13.36 13.12 47.66
C GLN A 102 -12.54 14.15 46.93
N GLY A 103 -11.49 13.65 46.25
CA GLY A 103 -10.68 14.41 45.32
C GLY A 103 -9.60 15.23 45.96
N ILE A 104 -8.88 14.70 46.97
CA ILE A 104 -7.85 15.48 47.63
C ILE A 104 -6.65 15.64 46.74
N CYS A 105 -5.99 16.82 46.80
CA CYS A 105 -4.88 17.07 45.92
C CYS A 105 -3.56 16.86 46.60
N LYS A 106 -2.55 16.47 45.81
CA LYS A 106 -1.25 16.22 46.38
C LYS A 106 -0.22 17.10 45.76
N LEU A 107 0.86 17.36 46.54
CA LEU A 107 1.96 18.18 46.09
C LEU A 107 3.20 17.36 46.12
N LEU A 108 3.86 17.19 44.95
CA LEU A 108 5.06 16.40 44.88
C LEU A 108 6.19 17.32 44.53
N ARG A 109 7.36 17.14 45.19
CA ARG A 109 8.51 17.97 44.92
C ARG A 109 8.97 17.67 43.53
N LEU A 110 9.48 18.71 42.84
CA LEU A 110 9.82 18.65 41.45
C LEU A 110 10.87 17.62 41.15
N GLU A 111 12.01 17.68 41.85
CA GLU A 111 13.13 16.83 41.57
C GLU A 111 12.98 15.41 42.02
N ASP A 112 12.60 15.19 43.29
CA ASP A 112 12.49 13.87 43.88
C ASP A 112 11.11 13.28 43.96
N LEU A 113 10.04 14.07 43.76
CA LEU A 113 8.69 13.62 43.98
C LEU A 113 8.42 13.43 45.45
N PHE A 114 9.12 14.18 46.32
CA PHE A 114 8.86 14.11 47.74
C PHE A 114 7.56 14.81 48.03
N LYS A 115 6.66 14.15 48.80
CA LYS A 115 5.38 14.73 49.06
C LYS A 115 5.54 15.86 50.03
N LEU A 116 5.39 17.09 49.49
CA LEU A 116 5.46 18.31 50.22
C LEU A 116 4.24 18.45 51.10
N GLY A 117 3.05 18.14 50.54
CA GLY A 117 1.86 18.29 51.34
C GLY A 117 0.67 17.74 50.61
N GLU A 118 -0.42 17.42 51.35
CA GLU A 118 -1.64 16.94 50.76
C GLU A 118 -2.78 17.32 51.67
N PRO A 119 -3.33 18.51 51.54
CA PRO A 119 -4.39 18.97 52.42
C PRO A 119 -5.71 18.26 52.27
N PHE A 120 -6.13 17.52 53.32
CA PHE A 120 -7.35 16.78 53.55
C PHE A 120 -8.42 17.36 54.47
N HIS A 121 -8.06 18.23 55.43
CA HIS A 121 -8.97 18.58 56.50
C HIS A 121 -10.23 19.32 56.12
N LYS A 122 -10.11 20.46 55.41
CA LYS A 122 -11.25 21.29 55.12
C LYS A 122 -12.00 20.81 53.92
N LYS A 123 -13.21 21.37 53.72
CA LYS A 123 -14.11 21.02 52.65
C LYS A 123 -13.54 21.41 51.32
N GLU A 124 -12.81 22.54 51.26
CA GLU A 124 -12.23 23.06 50.05
C GLU A 124 -11.17 22.11 49.57
N HIS A 125 -10.52 21.41 50.50
CA HIS A 125 -9.45 20.50 50.20
C HIS A 125 -9.99 19.35 49.38
N TYR A 126 -11.32 19.15 49.36
CA TYR A 126 -11.89 18.07 48.58
C TYR A 126 -12.40 18.66 47.28
N LEU A 127 -11.90 18.16 46.13
CA LEU A 127 -12.30 18.64 44.83
C LEU A 127 -13.56 18.06 44.23
N SER A 128 -13.69 16.71 44.20
CA SER A 128 -14.83 16.07 43.57
C SER A 128 -14.74 14.58 43.80
N GLY A 129 -15.91 13.91 43.92
CA GLY A 129 -16.02 12.49 44.10
C GLY A 129 -15.60 11.77 42.85
N VAL A 130 -15.79 12.43 41.68
CA VAL A 130 -15.63 11.86 40.36
C VAL A 130 -14.35 11.10 40.22
N ASN A 131 -14.50 9.81 39.84
CA ASN A 131 -13.50 8.80 39.59
C ASN A 131 -12.89 8.86 38.21
N GLU A 132 -13.54 9.55 37.24
CA GLU A 132 -13.08 9.52 35.88
C GLU A 132 -11.86 10.36 35.65
N SER A 133 -10.95 9.85 34.79
CA SER A 133 -9.74 10.58 34.48
C SER A 133 -9.96 11.46 33.29
N GLY A 134 -9.34 12.65 33.32
CA GLY A 134 -9.31 13.55 32.19
C GLY A 134 -10.55 14.40 32.09
N SER A 135 -11.57 14.12 32.90
CA SER A 135 -12.79 14.91 32.88
C SER A 135 -12.51 16.22 33.56
N VAL A 136 -11.30 16.40 34.11
CA VAL A 136 -10.94 17.60 34.82
C VAL A 136 -9.80 18.27 34.11
N PHE A 137 -9.67 19.61 34.29
CA PHE A 137 -8.58 20.33 33.70
C PHE A 137 -8.42 21.64 34.45
N GLY A 138 -7.45 22.50 34.05
CA GLY A 138 -7.29 23.77 34.72
C GLY A 138 -5.94 24.34 34.40
N VAL A 139 -5.63 25.53 34.97
CA VAL A 139 -4.37 26.17 34.71
C VAL A 139 -3.81 26.74 35.98
N ILE A 140 -2.47 26.78 36.08
CA ILE A 140 -1.86 27.41 37.22
C ILE A 140 -1.28 28.68 36.74
N VAL A 141 -1.68 29.79 37.41
CA VAL A 141 -1.18 31.08 37.01
C VAL A 141 -0.49 31.65 38.21
N SER A 142 0.67 32.27 37.98
CA SER A 142 1.41 32.78 39.09
C SER A 142 1.97 34.12 38.75
N TYR A 143 2.24 34.89 39.82
CA TYR A 143 2.82 36.18 39.74
C TYR A 143 3.72 36.25 40.93
N SER A 144 4.42 37.38 41.13
CA SER A 144 5.24 37.52 42.29
C SER A 144 4.31 37.51 43.46
N ASN A 145 4.85 37.48 44.69
CA ASN A 145 4.00 37.40 45.84
C ASN A 145 3.05 38.56 45.82
N PHE A 146 1.94 38.41 46.56
CA PHE A 146 0.81 39.30 46.70
C PHE A 146 0.06 39.47 45.42
N ASP A 147 0.21 38.48 44.50
CA ASP A 147 -0.53 38.38 43.26
C ASP A 147 -0.42 36.90 42.90
N ASP A 148 -1.53 36.12 42.63
CA ASP A 148 -1.32 34.69 42.30
C ASP A 148 -2.67 33.85 42.10
N LYS A 149 -2.69 32.42 42.02
CA LYS A 149 -3.86 31.46 42.07
C LYS A 149 -3.98 30.24 41.09
N LEU A 150 -5.01 29.32 41.30
CA LEU A 150 -5.32 28.11 40.50
C LEU A 150 -6.77 28.10 40.04
N PHE A 151 -7.03 27.87 38.72
CA PHE A 151 -8.37 27.80 38.18
C PHE A 151 -8.62 26.37 37.76
N ILE A 152 -9.69 25.74 38.29
CA ILE A 152 -9.91 24.36 37.98
C ILE A 152 -11.35 24.05 37.79
N ALA A 153 -11.64 23.22 36.77
CA ALA A 153 -12.99 22.80 36.54
C ALA A 153 -13.03 21.31 36.69
N THR A 154 -14.14 20.77 37.25
CA THR A 154 -14.29 19.34 37.42
C THR A 154 -15.75 19.02 37.35
N ALA A 155 -16.08 17.74 37.09
CA ALA A 155 -17.42 17.21 37.12
C ALA A 155 -17.82 17.03 38.57
N VAL A 156 -19.14 17.16 38.85
CA VAL A 156 -19.78 17.02 40.14
C VAL A 156 -20.37 15.67 40.49
N ASP A 157 -20.96 14.96 39.51
CA ASP A 157 -21.62 13.70 39.76
C ASP A 157 -22.90 13.90 40.55
N GLY A 158 -23.43 15.15 40.60
CA GLY A 158 -24.72 15.38 41.25
C GLY A 158 -24.56 15.77 42.69
N LYS A 159 -23.32 16.08 43.10
CA LYS A 159 -22.79 16.56 44.35
C LYS A 159 -22.93 18.06 44.48
N PRO A 160 -23.86 18.78 43.86
CA PRO A 160 -23.79 20.21 43.77
C PRO A 160 -23.47 20.96 45.03
N GLU A 161 -23.97 20.48 46.19
CA GLU A 161 -23.72 21.16 47.43
C GLU A 161 -22.29 21.03 47.85
N TYR A 162 -21.69 19.84 47.63
CA TYR A 162 -20.34 19.60 48.07
C TYR A 162 -19.31 20.37 47.30
N PHE A 163 -19.35 20.33 45.95
CA PHE A 163 -18.24 20.89 45.22
C PHE A 163 -18.70 21.83 44.14
N PRO A 164 -17.87 22.80 43.84
CA PRO A 164 -18.10 23.67 42.70
C PRO A 164 -17.48 23.11 41.45
N THR A 165 -18.15 23.21 40.29
CA THR A 165 -17.62 22.73 39.03
C THR A 165 -16.44 23.56 38.61
N ILE A 166 -16.57 24.90 38.70
CA ILE A 166 -15.47 25.76 38.33
C ILE A 166 -15.18 26.61 39.51
N SER A 167 -13.88 26.86 39.81
CA SER A 167 -13.54 27.61 40.98
C SER A 167 -12.27 28.36 40.76
N SER A 168 -12.03 29.38 41.61
CA SER A 168 -10.80 30.11 41.60
C SER A 168 -10.23 29.88 42.97
N ARG A 169 -9.06 29.22 43.06
CA ARG A 169 -8.58 28.81 44.35
C ARG A 169 -7.19 29.31 44.62
N LYS A 170 -6.82 29.22 45.90
CA LYS A 170 -5.59 29.76 46.40
C LYS A 170 -4.55 28.69 46.48
N LEU A 171 -3.29 29.05 46.15
CA LEU A 171 -2.19 28.13 46.27
C LEU A 171 -1.14 28.79 47.10
N THR A 172 -1.06 28.44 48.40
CA THR A 172 -0.14 29.07 49.30
C THR A 172 1.22 28.48 49.09
N LYS A 173 2.24 29.19 49.59
CA LYS A 173 3.62 28.84 49.47
C LYS A 173 3.88 27.57 50.24
N ASN A 174 3.28 27.46 51.44
CA ASN A 174 3.56 26.32 52.27
C ASN A 174 2.54 25.26 52.00
N SER A 175 3.03 24.04 51.68
CA SER A 175 2.19 22.92 51.39
C SER A 175 1.49 22.48 52.64
N GLU A 176 2.13 22.73 53.80
CA GLU A 176 1.61 22.38 55.09
C GLU A 176 0.43 23.27 55.41
N ALA A 177 0.47 24.53 54.93
CA ALA A 177 -0.54 25.50 55.28
C ALA A 177 -1.92 25.00 54.96
N ASP A 178 -2.85 25.34 55.88
CA ASP A 178 -4.25 25.01 55.94
C ASP A 178 -5.00 25.68 54.81
N GLY A 179 -4.55 26.87 54.41
CA GLY A 179 -5.20 27.77 53.49
C GLY A 179 -5.43 27.19 52.12
N MET A 180 -4.62 26.21 51.70
CA MET A 180 -4.66 25.70 50.36
C MET A 180 -6.05 25.40 49.85
N PHE A 181 -6.21 25.63 48.52
CA PHE A 181 -7.40 25.35 47.75
C PHE A 181 -8.55 26.14 48.28
N ALA A 182 -8.28 27.25 48.99
CA ALA A 182 -9.33 28.10 49.47
C ALA A 182 -9.68 29.04 48.36
N TYR A 183 -10.94 29.53 48.34
CA TYR A 183 -11.41 30.37 47.27
C TYR A 183 -10.77 31.73 47.40
N VAL A 184 -10.47 32.35 46.24
CA VAL A 184 -9.75 33.59 46.22
C VAL A 184 -10.48 34.64 46.98
N PHE A 185 -11.80 34.80 46.76
CA PHE A 185 -12.55 35.76 47.52
C PHE A 185 -13.82 35.09 47.91
N HIS A 186 -14.05 34.96 49.22
CA HIS A 186 -15.25 34.32 49.67
C HIS A 186 -16.08 35.34 50.38
N ASP A 187 -17.36 35.46 49.98
CA ASP A 187 -18.28 36.38 50.58
C ASP A 187 -19.51 35.59 50.84
N GLU A 188 -20.37 36.06 51.76
CA GLU A 188 -21.55 35.29 52.02
C GLU A 188 -22.38 35.31 50.78
N PHE A 189 -22.48 36.47 50.11
CA PHE A 189 -23.22 36.59 48.89
C PHE A 189 -22.56 35.96 47.69
N VAL A 190 -21.27 36.27 47.43
CA VAL A 190 -20.68 35.72 46.23
C VAL A 190 -19.28 35.26 46.51
N ALA A 191 -18.90 34.10 45.95
CA ALA A 191 -17.57 33.57 46.16
C ALA A 191 -16.99 33.29 44.80
N SER A 192 -15.65 33.25 44.71
CA SER A 192 -15.00 33.04 43.44
C SER A 192 -15.11 31.59 43.09
N MET A 193 -16.34 31.16 42.78
CA MET A 193 -16.60 29.79 42.42
C MET A 193 -17.96 29.76 41.78
N ILE A 194 -18.26 28.70 41.00
CA ILE A 194 -19.57 28.58 40.39
C ILE A 194 -20.12 27.21 40.71
N LYS A 195 -21.30 27.15 41.35
CA LYS A 195 -21.86 25.88 41.74
C LYS A 195 -22.99 25.54 40.83
N ILE A 196 -23.41 24.25 40.84
CA ILE A 196 -24.54 23.90 40.04
C ILE A 196 -25.76 23.97 40.91
N PRO A 197 -26.79 24.59 40.38
CA PRO A 197 -28.01 24.78 41.13
C PRO A 197 -28.76 23.49 41.34
N SER A 198 -29.41 23.33 42.50
CA SER A 198 -30.12 22.13 42.84
C SER A 198 -31.31 21.97 41.95
N ASP A 199 -31.94 23.09 41.56
CA ASP A 199 -33.15 23.04 40.77
C ASP A 199 -32.85 22.38 39.46
N THR A 200 -31.68 22.68 38.88
CA THR A 200 -31.32 22.16 37.60
C THR A 200 -31.09 20.68 37.68
N PHE A 201 -30.60 20.19 38.83
CA PHE A 201 -30.39 18.77 39.02
C PHE A 201 -31.70 18.05 39.02
N THR A 202 -32.72 18.61 39.71
CA THR A 202 -33.98 17.91 39.80
C THR A 202 -34.58 17.82 38.43
N VAL A 203 -34.50 18.90 37.65
CA VAL A 203 -35.09 18.89 36.33
C VAL A 203 -34.41 17.84 35.50
N ILE A 204 -33.06 17.94 35.35
CA ILE A 204 -32.37 16.92 34.64
C ILE A 204 -31.49 16.25 35.64
N PRO A 205 -31.72 14.99 35.86
CA PRO A 205 -31.04 14.31 36.93
C PRO A 205 -29.55 14.26 36.92
N ASP A 206 -28.96 13.84 35.78
CA ASP A 206 -27.58 13.56 35.44
C ASP A 206 -26.69 14.72 35.06
N PHE A 207 -27.21 15.94 34.85
CA PHE A 207 -26.43 17.05 34.32
C PHE A 207 -25.09 17.16 35.00
N ASP A 208 -24.01 17.33 34.19
CA ASP A 208 -22.68 17.39 34.74
C ASP A 208 -21.77 18.05 33.73
N ILE A 209 -20.74 18.79 34.18
CA ILE A 209 -19.87 19.48 33.25
C ILE A 209 -18.53 18.80 33.26
N TYR A 210 -18.08 18.34 32.08
CA TYR A 210 -16.82 17.65 32.00
C TYR A 210 -15.87 18.55 31.28
N TYR A 211 -14.69 18.78 31.89
CA TYR A 211 -13.75 19.72 31.33
C TYR A 211 -12.62 18.97 30.69
N VAL A 212 -12.54 19.08 29.35
CA VAL A 212 -11.54 18.44 28.54
C VAL A 212 -10.19 19.11 28.50
N TYR A 213 -10.15 20.41 28.11
CA TYR A 213 -8.90 21.08 27.88
C TYR A 213 -9.01 22.44 28.52
N GLY A 214 -7.86 23.10 28.78
CA GLY A 214 -7.90 24.40 29.40
C GLY A 214 -6.60 25.10 29.15
N PHE A 215 -6.64 26.45 28.99
CA PHE A 215 -5.40 27.14 28.77
C PHE A 215 -5.54 28.59 29.13
N SER A 216 -4.39 29.24 29.43
CA SER A 216 -4.39 30.63 29.74
C SER A 216 -3.96 31.37 28.51
N SER A 217 -4.63 32.50 28.20
CA SER A 217 -4.31 33.28 27.04
C SER A 217 -4.38 34.72 27.41
N GLY A 218 -3.35 35.51 27.02
CA GLY A 218 -3.38 36.91 27.30
C GLY A 218 -3.54 37.09 28.78
N ASN A 219 -4.76 37.47 29.21
CA ASN A 219 -5.00 37.60 30.62
C ASN A 219 -6.31 36.95 30.98
N PHE A 220 -6.66 35.81 30.33
CA PHE A 220 -7.92 35.16 30.60
C PHE A 220 -7.64 33.69 30.80
N VAL A 221 -8.69 32.87 31.06
CA VAL A 221 -8.56 31.44 31.12
C VAL A 221 -9.72 30.81 30.43
N TYR A 222 -9.45 29.90 29.47
CA TYR A 222 -10.47 29.29 28.66
C TYR A 222 -10.55 27.83 28.99
N PHE A 223 -11.76 27.25 28.79
CA PHE A 223 -12.01 25.85 29.03
C PHE A 223 -12.89 25.34 27.93
N LEU A 224 -12.62 24.12 27.42
CA LEU A 224 -13.49 23.50 26.44
C LEU A 224 -14.29 22.49 27.22
N THR A 225 -15.64 22.58 27.19
CA THR A 225 -16.43 21.77 28.08
C THR A 225 -17.49 20.98 27.35
N LEU A 226 -18.04 19.97 28.06
CA LEU A 226 -19.12 19.15 27.59
C LEU A 226 -20.21 19.22 28.64
N GLN A 227 -21.47 19.43 28.20
CA GLN A 227 -22.60 19.56 29.09
C GLN A 227 -23.74 18.71 28.59
N PRO A 228 -24.80 18.69 29.35
CA PRO A 228 -25.99 17.92 29.02
C PRO A 228 -27.06 18.59 28.20
N GLU A 229 -28.18 17.85 28.01
CA GLU A 229 -29.34 18.32 27.31
C GLU A 229 -30.08 19.30 28.17
N MET A 230 -30.04 20.58 27.77
CA MET A 230 -30.79 21.62 28.39
C MET A 230 -31.28 22.48 27.26
N VAL A 231 -32.53 22.25 26.83
CA VAL A 231 -33.09 22.94 25.70
C VAL A 231 -32.36 22.39 24.51
N SER A 232 -31.60 21.30 24.71
CA SER A 232 -31.01 20.68 23.57
C SER A 232 -30.50 19.38 24.01
N PRO A 233 -31.17 18.38 23.50
CA PRO A 233 -32.30 18.61 22.62
C PRO A 233 -33.54 18.84 23.43
N PRO A 234 -34.52 19.46 22.86
CA PRO A 234 -35.74 19.74 23.54
C PRO A 234 -36.31 18.45 24.04
N GLY A 235 -36.96 18.47 25.21
CA GLY A 235 -37.59 17.29 25.76
C GLY A 235 -38.35 17.72 26.95
N SER A 236 -39.61 17.26 27.08
CA SER A 236 -40.41 17.65 28.19
C SER A 236 -39.86 17.06 29.45
N THR A 237 -39.58 15.74 29.43
CA THR A 237 -39.11 15.08 30.63
C THR A 237 -37.81 14.41 30.32
N THR A 238 -37.15 13.89 31.37
CA THR A 238 -35.89 13.25 31.16
C THR A 238 -36.07 12.00 30.39
N LYS A 239 -35.02 11.64 29.62
CA LYS A 239 -35.01 10.44 28.85
C LYS A 239 -33.60 10.19 28.40
N GLU A 240 -33.22 10.79 27.26
CA GLU A 240 -31.91 10.57 26.71
C GLU A 240 -31.07 11.79 26.91
N GLN A 241 -29.74 11.60 27.03
CA GLN A 241 -28.90 12.75 27.23
C GLN A 241 -27.98 12.92 26.07
N VAL A 242 -27.92 14.16 25.54
CA VAL A 242 -26.99 14.42 24.50
C VAL A 242 -26.21 15.60 24.97
N TYR A 243 -25.01 15.82 24.40
CA TYR A 243 -24.13 16.82 24.93
C TYR A 243 -23.90 17.94 23.96
N THR A 244 -23.54 19.13 24.50
CA THR A 244 -23.24 20.28 23.70
C THR A 244 -21.89 20.77 24.12
N SER A 245 -20.95 20.90 23.16
CA SER A 245 -19.60 21.27 23.50
C SER A 245 -19.47 22.76 23.41
N LYS A 246 -18.94 23.39 24.48
CA LYS A 246 -18.90 24.82 24.53
C LYS A 246 -17.58 25.33 25.03
N LEU A 247 -17.36 26.65 24.83
CA LEU A 247 -16.16 27.31 25.26
C LEU A 247 -16.53 28.17 26.44
N VAL A 248 -15.63 28.24 27.45
CA VAL A 248 -15.84 29.02 28.63
C VAL A 248 -14.67 29.94 28.77
N ARG A 249 -14.86 31.10 29.43
CA ARG A 249 -13.78 32.05 29.60
C ARG A 249 -13.98 32.83 30.87
N LEU A 250 -12.85 33.32 31.46
CA LEU A 250 -12.89 34.12 32.65
C LEU A 250 -11.74 35.10 32.61
N CYS A 251 -11.91 36.27 33.27
CA CYS A 251 -10.81 37.19 33.47
C CYS A 251 -10.02 36.59 34.57
N LYS A 252 -8.69 36.70 34.52
CA LYS A 252 -7.85 36.20 35.58
C LYS A 252 -8.14 37.02 36.80
N GLU A 253 -8.33 38.33 36.58
CA GLU A 253 -8.54 39.38 37.53
C GLU A 253 -9.90 39.43 38.18
N ASP A 254 -10.86 38.53 37.83
CA ASP A 254 -12.19 38.73 38.38
C ASP A 254 -12.49 37.78 39.52
N THR A 255 -12.35 38.28 40.75
CA THR A 255 -12.56 37.54 41.96
C THR A 255 -14.02 37.22 42.08
N ALA A 256 -14.87 38.14 41.57
CA ALA A 256 -16.31 38.12 41.56
C ALA A 256 -16.87 37.01 40.73
N PHE A 257 -16.16 36.56 39.66
CA PHE A 257 -16.68 35.59 38.74
C PHE A 257 -17.76 36.11 37.84
N ASN A 258 -17.79 37.44 37.61
CA ASN A 258 -18.75 38.07 36.75
C ASN A 258 -18.48 37.85 35.28
N SER A 259 -17.20 37.60 34.89
CA SER A 259 -16.76 37.54 33.52
C SER A 259 -17.20 36.30 32.77
N TYR A 260 -17.75 35.29 33.45
CA TYR A 260 -18.10 34.02 32.87
C TYR A 260 -18.88 34.20 31.59
N VAL A 261 -18.44 33.46 30.54
CA VAL A 261 -19.06 33.48 29.24
C VAL A 261 -19.11 32.06 28.76
N GLU A 262 -20.12 31.67 27.94
CA GLU A 262 -20.18 30.29 27.50
C GLU A 262 -20.84 30.18 26.14
N VAL A 263 -20.05 29.86 25.08
CA VAL A 263 -20.55 29.74 23.74
C VAL A 263 -20.47 28.30 23.29
N PRO A 264 -21.49 27.82 22.63
CA PRO A 264 -21.39 26.50 22.07
C PRO A 264 -20.45 26.50 20.90
N ILE A 265 -19.71 25.38 20.69
CA ILE A 265 -18.75 25.38 19.62
C ILE A 265 -18.76 24.08 18.88
N GLY A 266 -18.48 24.16 17.57
CA GLY A 266 -18.44 23.00 16.71
C GLY A 266 -18.10 23.46 15.32
N CYS A 267 -18.25 22.55 14.33
CA CYS A 267 -17.96 22.83 12.96
C CYS A 267 -18.65 21.81 12.10
N GLU A 268 -18.93 22.15 10.82
CA GLU A 268 -19.64 21.19 9.99
C GLU A 268 -18.94 20.99 8.69
N ARG A 269 -19.01 19.74 8.17
CA ARG A 269 -18.38 19.38 6.93
C ARG A 269 -19.42 18.80 6.02
N ASN A 270 -19.77 19.55 4.97
CA ASN A 270 -20.69 19.10 3.95
C ASN A 270 -21.94 18.56 4.56
N GLY A 271 -22.53 19.26 5.55
CA GLY A 271 -23.79 18.84 6.08
C GLY A 271 -23.63 17.77 7.12
N VAL A 272 -22.43 17.62 7.70
CA VAL A 272 -22.24 16.64 8.74
C VAL A 272 -21.86 17.42 9.97
N GLU A 273 -22.45 17.09 11.13
CA GLU A 273 -22.24 17.89 12.31
C GLU A 273 -21.21 17.28 13.22
N TYR A 274 -20.23 18.10 13.68
CA TYR A 274 -19.20 17.67 14.61
C TYR A 274 -19.27 18.56 15.84
N ARG A 275 -20.03 18.11 16.86
CA ARG A 275 -20.30 18.72 18.14
C ARG A 275 -19.46 18.37 19.36
N LEU A 276 -18.63 17.30 19.36
CA LEU A 276 -18.05 16.91 20.64
C LEU A 276 -16.55 17.01 20.66
N LEU A 277 -16.01 17.82 21.61
CA LEU A 277 -14.59 18.01 21.73
C LEU A 277 -13.93 16.82 22.35
N GLN A 278 -12.90 16.27 21.66
CA GLN A 278 -12.06 15.22 22.18
C GLN A 278 -10.82 15.80 22.84
N ALA A 279 -10.26 16.87 22.23
CA ALA A 279 -9.07 17.48 22.72
C ALA A 279 -8.86 18.77 21.99
N ALA A 280 -7.95 19.62 22.49
CA ALA A 280 -7.62 20.88 21.88
C ALA A 280 -6.19 21.19 22.22
N TYR A 281 -5.59 22.19 21.51
CA TYR A 281 -4.25 22.61 21.80
C TYR A 281 -4.09 24.04 21.34
N LEU A 282 -3.71 24.96 22.25
CA LEU A 282 -3.46 26.33 21.89
C LEU A 282 -2.06 26.42 21.34
N SER A 283 -1.83 27.24 20.30
CA SER A 283 -0.49 27.30 19.76
C SER A 283 -0.29 28.56 18.97
N LYS A 284 0.90 28.66 18.32
CA LYS A 284 1.22 29.75 17.43
C LYS A 284 1.12 29.22 16.04
N ALA A 285 0.83 30.12 15.06
CA ALA A 285 0.82 29.87 13.64
C ALA A 285 2.16 29.88 12.98
N GLY A 286 3.06 30.79 13.39
CA GLY A 286 4.30 30.94 12.67
C GLY A 286 3.97 31.80 11.48
N ALA A 287 5.01 32.29 10.76
CA ALA A 287 4.81 33.25 9.71
C ALA A 287 3.89 32.74 8.63
N VAL A 288 3.99 31.45 8.26
CA VAL A 288 3.24 30.97 7.13
C VAL A 288 1.74 31.09 7.32
N LEU A 289 1.21 30.44 8.36
CA LEU A 289 -0.21 30.36 8.60
C LEU A 289 -0.72 31.71 8.97
N GLY A 290 0.04 32.45 9.79
CA GLY A 290 -0.44 33.71 10.29
C GLY A 290 -0.72 34.66 9.16
N ARG A 291 0.16 34.73 8.15
CA ARG A 291 0.02 35.72 7.12
C ARG A 291 -1.31 35.60 6.42
N THR A 292 -1.62 34.40 5.89
CA THR A 292 -2.81 34.15 5.12
C THR A 292 -4.01 34.15 6.01
N LEU A 293 -3.81 33.82 7.30
CA LEU A 293 -4.83 33.86 8.33
C LEU A 293 -5.14 35.30 8.61
N GLY A 294 -4.14 36.19 8.41
CA GLY A 294 -4.32 37.61 8.64
C GLY A 294 -4.14 37.93 10.10
N VAL A 295 -3.03 37.46 10.71
CA VAL A 295 -2.85 37.67 12.12
C VAL A 295 -1.56 38.35 12.42
N ARG A 296 -1.45 38.86 13.67
CA ARG A 296 -0.25 39.45 14.19
C ARG A 296 0.56 38.32 14.75
N PRO A 297 1.83 38.55 14.96
CA PRO A 297 2.69 37.50 15.42
C PRO A 297 2.24 36.90 16.70
N ASP A 298 1.80 37.75 17.65
CA ASP A 298 1.44 37.36 18.97
C ASP A 298 0.15 36.59 18.98
N ASP A 299 -0.72 36.79 17.98
CA ASP A 299 -2.04 36.21 18.03
C ASP A 299 -2.00 34.71 18.06
N ASP A 300 -2.90 34.12 18.90
CA ASP A 300 -2.95 32.71 19.14
C ASP A 300 -3.94 32.01 18.25
N LEU A 301 -3.91 30.66 18.27
CA LEU A 301 -4.80 29.84 17.50
C LEU A 301 -5.15 28.60 18.29
N LEU A 302 -6.34 28.00 18.03
CA LEU A 302 -6.72 26.84 18.79
C LEU A 302 -7.12 25.69 17.91
N PHE A 303 -6.27 24.64 17.84
CA PHE A 303 -6.57 23.45 17.10
C PHE A 303 -7.43 22.59 17.97
N THR A 304 -8.42 21.89 17.37
CA THR A 304 -9.33 21.10 18.17
C THR A 304 -9.69 19.85 17.45
N VAL A 305 -10.35 18.90 18.17
CA VAL A 305 -10.80 17.69 17.55
C VAL A 305 -12.20 17.46 18.00
N PHE A 306 -13.12 17.16 17.05
CA PHE A 306 -14.51 16.94 17.39
C PHE A 306 -15.01 15.68 16.74
N SER A 307 -15.95 14.97 17.42
CA SER A 307 -16.57 13.78 16.89
C SER A 307 -17.90 14.18 16.33
N LYS A 308 -18.50 13.30 15.48
CA LYS A 308 -19.75 13.62 14.85
C LYS A 308 -20.90 13.45 15.79
N GLY A 309 -21.84 14.42 15.72
CA GLY A 309 -23.07 14.31 16.46
C GLY A 309 -22.89 14.73 17.88
N GLN A 310 -24.01 14.66 18.61
CA GLN A 310 -24.24 14.91 20.00
C GLN A 310 -24.23 13.69 20.89
N LYS A 311 -24.06 12.48 20.34
CA LYS A 311 -24.27 11.26 21.09
C LYS A 311 -23.05 10.66 21.75
N ARG A 312 -23.31 9.97 22.88
CA ARG A 312 -22.41 9.14 23.64
C ARG A 312 -21.06 9.72 23.91
N LYS A 313 -20.97 10.60 24.93
CA LYS A 313 -19.73 11.18 25.36
C LYS A 313 -18.86 10.08 25.89
N MET A 314 -19.45 9.08 26.55
CA MET A 314 -18.68 8.01 27.14
C MET A 314 -17.94 7.28 26.05
N LYS A 315 -18.64 6.92 24.95
CA LYS A 315 -18.01 6.24 23.85
C LYS A 315 -18.47 6.93 22.60
N SER A 316 -17.64 7.84 22.06
CA SER A 316 -18.01 8.65 20.92
C SER A 316 -17.84 7.88 19.64
N LEU A 317 -18.22 8.53 18.51
CA LEU A 317 -18.17 7.95 17.19
C LEU A 317 -16.81 8.07 16.57
N ASP A 318 -16.53 7.18 15.59
CA ASP A 318 -15.28 7.17 14.88
C ASP A 318 -15.14 8.43 14.08
N GLU A 319 -16.23 8.88 13.42
CA GLU A 319 -16.15 10.05 12.58
C GLU A 319 -15.64 11.20 13.41
N SER A 320 -14.54 11.85 12.97
CA SER A 320 -13.96 12.91 13.75
C SER A 320 -13.34 13.94 12.85
N ALA A 321 -13.32 15.22 13.29
CA ALA A 321 -12.79 16.26 12.45
C ALA A 321 -11.94 17.23 13.23
N LEU A 322 -10.82 17.65 12.62
CA LEU A 322 -9.89 18.59 13.18
C LEU A 322 -10.27 19.95 12.66
N CYS A 323 -10.67 20.87 13.56
CA CYS A 323 -11.11 22.18 13.17
C CYS A 323 -10.17 23.21 13.71
N ILE A 324 -10.43 24.52 13.42
CA ILE A 324 -9.54 25.54 13.87
C ILE A 324 -10.30 26.75 14.29
N PHE A 325 -9.75 27.48 15.28
CA PHE A 325 -10.34 28.70 15.75
C PHE A 325 -9.22 29.69 15.91
N ILE A 326 -9.42 30.92 15.42
CA ILE A 326 -8.46 31.95 15.67
C ILE A 326 -9.00 32.65 16.87
N LEU A 327 -8.13 32.96 17.84
CA LEU A 327 -8.56 33.52 19.10
C LEU A 327 -9.17 34.85 18.84
N LYS A 328 -8.64 35.59 17.84
CA LYS A 328 -9.16 36.89 17.55
C LYS A 328 -10.61 36.74 17.19
N GLN A 329 -10.94 35.68 16.42
CA GLN A 329 -12.30 35.47 16.00
C GLN A 329 -13.20 35.16 17.16
N ILE A 330 -12.73 34.32 18.11
CA ILE A 330 -13.55 34.02 19.26
C ILE A 330 -13.69 35.22 20.14
N ASN A 331 -12.61 36.02 20.28
CA ASN A 331 -12.68 37.19 21.11
C ASN A 331 -13.71 38.11 20.54
N ASP A 332 -13.80 38.18 19.21
CA ASP A 332 -14.74 39.04 18.54
C ASP A 332 -16.14 38.58 18.84
N ARG A 333 -16.37 37.24 18.84
CA ARG A 333 -17.68 36.69 19.04
C ARG A 333 -18.15 37.04 20.42
N ILE A 334 -17.23 37.04 21.40
CA ILE A 334 -17.53 37.36 22.77
C ILE A 334 -17.80 38.83 22.92
N LYS A 335 -16.97 39.68 22.29
CA LYS A 335 -17.14 41.10 22.38
C LYS A 335 -18.44 41.45 21.74
N ASP A 336 -18.73 40.80 20.60
CA ASP A 336 -19.91 41.04 19.82
C ASP A 336 -21.11 40.74 20.66
N ARG A 337 -21.05 39.65 21.43
CA ARG A 337 -22.12 39.18 22.28
C ARG A 337 -22.37 40.13 23.42
N LEU A 338 -21.30 40.67 24.02
CA LEU A 338 -21.40 41.56 25.15
C LEU A 338 -21.96 42.88 24.74
N GLN A 339 -21.49 43.42 23.60
CA GLN A 339 -21.89 44.70 23.11
C GLN A 339 -23.36 44.63 22.86
N SER A 340 -23.86 43.42 22.55
CA SER A 340 -25.26 43.16 22.28
C SER A 340 -26.11 43.20 23.54
N CYS A 341 -25.65 42.58 24.63
CA CYS A 341 -26.37 42.46 25.89
C CYS A 341 -26.53 43.84 26.46
N TYR A 342 -25.47 44.65 26.29
CA TYR A 342 -25.38 46.01 26.72
C TYR A 342 -26.38 46.85 25.98
N ARG A 343 -26.85 46.33 24.84
CA ARG A 343 -27.91 46.90 24.04
C ARG A 343 -29.23 46.72 24.77
N GLY A 344 -29.33 45.66 25.61
CA GLY A 344 -30.52 45.40 26.36
C GLY A 344 -31.38 44.43 25.62
N GLU A 345 -30.82 43.75 24.60
CA GLU A 345 -31.64 42.90 23.81
C GLU A 345 -31.59 41.49 24.29
N GLY A 346 -32.79 40.88 24.41
CA GLY A 346 -32.93 39.48 24.71
C GLY A 346 -32.61 39.20 26.15
N THR A 347 -32.42 37.89 26.43
CA THR A 347 -32.11 37.37 27.73
C THR A 347 -30.68 36.93 27.76
N LEU A 348 -30.20 36.52 28.96
CA LEU A 348 -28.87 36.03 29.18
C LEU A 348 -28.71 34.67 28.55
N ASP A 349 -29.78 33.84 28.60
CA ASP A 349 -29.86 32.50 28.07
C ASP A 349 -28.76 31.55 28.45
N LEU A 350 -28.73 31.15 29.74
CA LEU A 350 -27.83 30.14 30.23
C LEU A 350 -28.69 29.17 31.02
N ALA A 351 -29.10 28.05 30.39
CA ALA A 351 -30.10 27.19 30.98
C ALA A 351 -29.72 26.54 32.29
N TRP A 352 -28.54 25.88 32.37
CA TRP A 352 -28.19 25.13 33.55
C TRP A 352 -28.03 26.03 34.74
N LEU A 353 -27.38 27.20 34.56
CA LEU A 353 -27.16 28.12 35.65
C LEU A 353 -28.43 28.77 36.12
N LYS A 354 -29.15 29.47 35.21
CA LYS A 354 -30.31 30.21 35.63
C LYS A 354 -31.52 29.62 34.98
N VAL A 355 -32.37 28.97 35.80
CA VAL A 355 -33.57 28.35 35.34
C VAL A 355 -34.52 29.39 34.84
N LYS A 356 -34.69 30.48 35.61
CA LYS A 356 -35.62 31.52 35.23
C LYS A 356 -34.82 32.55 34.51
N ASP A 357 -35.26 32.87 33.28
CA ASP A 357 -34.54 33.75 32.41
C ASP A 357 -34.61 35.18 32.85
N ILE A 358 -33.42 35.79 33.05
CA ILE A 358 -33.38 37.17 33.46
C ILE A 358 -32.97 37.95 32.23
N PRO A 359 -33.51 39.13 32.07
CA PRO A 359 -33.26 39.95 30.90
C PRO A 359 -31.99 40.74 30.89
N CYS A 360 -31.47 41.10 29.69
CA CYS A 360 -30.26 41.87 29.71
C CYS A 360 -30.60 43.32 29.84
N SER A 361 -29.77 44.04 30.64
CA SER A 361 -30.06 45.42 30.88
C SER A 361 -29.18 46.28 30.02
N SER A 362 -29.79 47.34 29.43
CA SER A 362 -29.04 48.21 28.57
C SER A 362 -28.25 49.14 29.42
N ALA A 363 -27.10 49.63 28.89
CA ALA A 363 -26.27 50.54 29.63
C ALA A 363 -25.26 51.13 28.70
N LEU A 364 -24.73 52.31 29.07
CA LEU A 364 -23.75 53.00 28.29
C LEU A 364 -22.41 52.49 28.71
N LEU A 365 -21.64 51.94 27.76
CA LEU A 365 -20.37 51.42 28.18
C LEU A 365 -19.46 51.35 26.99
N THR A 366 -18.14 51.43 27.22
CA THR A 366 -17.22 51.25 26.14
C THR A 366 -16.89 49.80 26.20
N ILE A 367 -17.34 49.02 25.20
CA ILE A 367 -17.17 47.60 25.28
C ILE A 367 -15.86 47.24 24.65
N ASP A 368 -14.91 46.73 25.47
CA ASP A 368 -13.61 46.39 24.99
C ASP A 368 -13.34 44.94 25.26
N ASP A 369 -12.17 44.47 24.79
CA ASP A 369 -11.67 43.15 25.01
C ASP A 369 -11.30 43.03 26.46
N ASN A 370 -10.94 44.18 27.08
CA ASN A 370 -10.51 44.22 28.46
C ASN A 370 -11.65 43.96 29.40
N PHE A 371 -12.91 44.17 28.97
CA PHE A 371 -14.09 44.08 29.79
C PHE A 371 -14.13 42.81 30.61
N CYS A 372 -14.04 42.97 31.96
CA CYS A 372 -14.08 41.93 32.96
C CYS A 372 -15.45 41.49 33.45
N GLY A 373 -16.53 42.23 33.17
CA GLY A 373 -17.84 41.80 33.64
C GLY A 373 -18.31 42.74 34.72
N LEU A 374 -19.66 42.89 34.84
CA LEU A 374 -20.27 43.78 35.79
C LEU A 374 -21.38 43.06 36.53
N ASP A 375 -21.88 43.72 37.59
CA ASP A 375 -22.85 43.18 38.51
C ASP A 375 -24.13 42.84 37.82
N MET A 376 -24.61 43.70 36.89
CA MET A 376 -25.88 43.44 36.25
C MET A 376 -25.59 42.78 34.93
N ASN A 377 -26.55 41.98 34.42
CA ASN A 377 -26.41 41.18 33.23
C ASN A 377 -25.21 40.29 33.38
N ALA A 378 -25.09 39.74 34.61
CA ALA A 378 -24.11 38.93 35.29
C ALA A 378 -23.66 37.73 34.46
N PRO A 379 -23.41 36.53 34.96
CA PRO A 379 -23.04 35.49 34.03
C PRO A 379 -24.06 35.24 32.95
N LEU A 380 -23.60 35.13 31.68
CA LEU A 380 -24.46 35.00 30.55
C LEU A 380 -23.98 33.92 29.61
N GLY A 381 -24.89 33.41 28.75
CA GLY A 381 -24.59 32.33 27.83
C GLY A 381 -24.35 32.86 26.44
N VAL A 382 -24.65 32.05 25.39
CA VAL A 382 -24.56 32.55 24.04
C VAL A 382 -25.51 31.82 23.15
N SER A 383 -26.11 32.58 22.20
CA SER A 383 -27.03 32.09 21.21
C SER A 383 -26.36 31.50 20.00
N GLU A 384 -25.45 32.25 19.35
CA GLU A 384 -24.92 31.77 18.11
C GLU A 384 -23.74 30.91 18.38
N MET A 385 -23.82 29.66 17.88
CA MET A 385 -22.79 28.68 18.10
C MET A 385 -21.64 29.09 17.24
N VAL A 386 -20.40 29.02 17.77
CA VAL A 386 -19.29 29.49 16.95
C VAL A 386 -18.75 28.36 16.13
N ARG A 387 -18.70 28.57 14.81
CA ARG A 387 -18.26 27.59 13.86
C ARG A 387 -16.78 27.71 13.63
N GLY A 388 -16.13 26.56 13.37
CA GLY A 388 -14.70 26.51 13.19
C GLY A 388 -14.37 26.09 11.79
N ILE A 389 -13.11 26.33 11.39
CA ILE A 389 -12.64 26.06 10.06
C ILE A 389 -12.06 24.67 10.04
N PRO A 390 -12.66 23.82 9.25
CA PRO A 390 -12.30 22.42 9.14
C PRO A 390 -10.97 22.23 8.48
N VAL A 391 -10.28 21.12 8.78
CA VAL A 391 -8.95 20.95 8.26
C VAL A 391 -8.77 19.57 7.68
N PHE A 392 -9.01 18.52 8.50
CA PHE A 392 -8.79 17.16 8.08
C PHE A 392 -9.87 16.34 8.69
N THR A 393 -10.40 15.33 7.96
CA THR A 393 -11.46 14.53 8.54
C THR A 393 -11.12 13.08 8.40
N GLU A 394 -11.25 12.31 9.49
CA GLU A 394 -11.02 10.89 9.36
C GLU A 394 -12.29 10.16 9.65
N ASP A 395 -12.78 9.38 8.66
CA ASP A 395 -13.95 8.54 8.79
C ASP A 395 -13.68 7.19 9.41
N ARG A 396 -12.60 6.51 8.97
CA ARG A 396 -12.27 5.16 9.37
C ARG A 396 -11.71 5.05 10.77
N ASP A 397 -10.83 5.98 11.17
CA ASP A 397 -10.14 5.86 12.43
C ASP A 397 -10.20 7.18 13.15
N ARG A 398 -10.89 7.21 14.32
CA ARG A 398 -11.15 8.43 15.04
C ARG A 398 -9.92 9.09 15.60
N MET A 399 -9.83 10.43 15.43
CA MET A 399 -8.75 11.19 16.00
C MET A 399 -9.04 11.36 17.47
N THR A 400 -8.01 11.13 18.32
CA THR A 400 -8.12 11.32 19.74
C THR A 400 -7.51 12.57 20.31
N SER A 401 -6.37 13.03 19.74
CA SER A 401 -5.63 14.08 20.41
C SER A 401 -4.97 14.95 19.38
N VAL A 402 -4.41 16.09 19.83
CA VAL A 402 -3.77 16.97 18.89
C VAL A 402 -2.74 17.83 19.56
N ILE A 403 -1.74 18.29 18.77
CA ILE A 403 -0.73 19.22 19.19
C ILE A 403 -0.28 19.91 17.93
N ALA A 404 0.46 21.04 18.03
CA ALA A 404 0.95 21.70 16.84
C ALA A 404 2.15 22.52 17.19
N TYR A 405 2.98 22.92 16.20
CA TYR A 405 4.06 23.82 16.53
C TYR A 405 4.56 24.54 15.31
N VAL A 406 5.37 25.60 15.53
CA VAL A 406 5.92 26.36 14.43
C VAL A 406 7.29 25.83 14.12
N TYR A 407 7.52 25.50 12.83
CA TYR A 407 8.79 25.03 12.36
C TYR A 407 9.11 25.79 11.10
N LYS A 408 10.15 26.65 11.15
CA LYS A 408 10.60 27.39 9.99
C LYS A 408 9.43 28.05 9.34
N ASN A 409 8.49 28.52 10.18
CA ASN A 409 7.28 29.21 9.83
C ASN A 409 6.20 28.28 9.35
N HIS A 410 6.52 27.04 8.93
CA HIS A 410 5.46 26.16 8.51
C HIS A 410 4.84 25.56 9.74
N SER A 411 3.49 25.38 9.73
CA SER A 411 2.79 24.94 10.91
C SER A 411 2.53 23.46 10.82
N LEU A 412 3.12 22.69 11.76
CA LEU A 412 2.95 21.26 11.71
C LEU A 412 1.96 20.88 12.76
N ALA A 413 0.99 19.99 12.40
CA ALA A 413 -0.02 19.59 13.34
C ALA A 413 0.12 18.12 13.59
N PHE A 414 -0.10 17.70 14.86
CA PHE A 414 0.03 16.32 15.23
C PHE A 414 -1.32 15.82 15.68
N VAL A 415 -1.70 14.61 15.22
CA VAL A 415 -3.00 14.11 15.58
C VAL A 415 -2.94 12.65 15.94
N GLY A 416 -3.38 12.33 17.17
CA GLY A 416 -3.43 10.97 17.62
C GLY A 416 -4.63 10.32 17.03
N THR A 417 -4.59 8.98 16.93
CA THR A 417 -5.70 8.24 16.39
C THR A 417 -6.03 7.14 17.34
N LYS A 418 -7.23 6.58 17.16
CA LYS A 418 -7.78 5.52 17.93
C LYS A 418 -6.90 4.32 17.76
N SER A 419 -6.22 4.20 16.60
CA SER A 419 -5.35 3.09 16.28
C SER A 419 -4.02 3.15 16.99
N GLY A 420 -3.55 4.34 17.43
CA GLY A 420 -2.25 4.36 18.06
C GLY A 420 -1.26 4.90 17.08
N LYS A 421 -1.74 5.77 16.17
CA LYS A 421 -0.90 6.34 15.17
C LYS A 421 -0.96 7.84 15.26
N LEU A 422 0.10 8.50 14.75
CA LEU A 422 0.20 9.94 14.76
C LEU A 422 0.27 10.45 13.35
N LYS A 423 -0.48 11.52 13.03
CA LYS A 423 -0.44 12.10 11.71
C LYS A 423 0.32 13.39 11.77
N LYS A 424 1.15 13.68 10.75
CA LYS A 424 1.94 14.87 10.74
C LYS A 424 1.43 15.76 9.64
N ILE A 425 0.62 16.76 10.00
CA ILE A 425 -0.11 17.50 9.01
C ILE A 425 0.38 18.90 8.88
N ARG A 426 0.70 19.31 7.63
CA ARG A 426 1.03 20.68 7.44
C ARG A 426 -0.28 21.32 7.09
N VAL A 427 -0.69 22.37 7.83
CA VAL A 427 -1.94 23.01 7.52
C VAL A 427 -1.67 24.04 6.46
N ASP A 428 -2.31 23.88 5.29
CA ASP A 428 -1.99 24.80 4.24
C ASP A 428 -3.23 25.40 3.65
N GLY A 429 -4.21 25.84 4.46
CA GLY A 429 -5.26 26.60 3.85
C GLY A 429 -4.66 27.93 3.49
N PRO A 430 -3.98 28.48 4.46
CA PRO A 430 -3.24 29.70 4.28
C PRO A 430 -2.09 29.46 3.35
N LYS A 431 -1.65 28.18 3.24
CA LYS A 431 -0.66 27.81 2.28
C LYS A 431 -1.46 27.00 1.29
N GLY A 432 -0.93 25.91 0.70
CA GLY A 432 -1.82 25.13 -0.14
C GLY A 432 -1.44 23.65 -0.16
N ASN A 433 -2.22 22.74 0.52
CA ASN A 433 -2.00 21.29 0.49
C ASN A 433 -2.76 20.47 1.62
N ALA A 434 -2.10 19.50 2.39
CA ALA A 434 -2.72 18.50 3.28
C ALA A 434 -1.74 17.66 4.15
N LEU A 435 -2.14 16.39 4.51
CA LEU A 435 -1.43 15.44 5.37
C LEU A 435 -0.16 14.92 4.75
N GLN A 436 0.98 15.10 5.44
CA GLN A 436 2.23 14.59 4.94
C GLN A 436 2.61 13.16 5.27
N TYR A 437 2.39 12.69 6.51
CA TYR A 437 2.89 11.38 6.89
C TYR A 437 2.08 10.82 8.03
N GLU A 438 2.20 9.49 8.27
CA GLU A 438 1.54 8.88 9.39
C GLU A 438 2.50 7.95 10.06
N THR A 439 2.42 7.81 11.39
CA THR A 439 3.38 6.95 12.04
C THR A 439 2.75 6.14 13.11
N VAL A 440 3.36 4.96 13.35
CA VAL A 440 2.87 4.09 14.35
C VAL A 440 3.97 3.93 15.30
N GLN A 441 4.41 5.02 15.90
CA GLN A 441 5.38 4.75 16.89
C GLN A 441 4.59 4.08 17.95
N VAL A 442 3.27 4.36 17.98
CA VAL A 442 2.85 4.04 19.28
C VAL A 442 2.60 2.62 19.63
N VAL A 443 1.31 2.28 19.47
CA VAL A 443 0.84 1.01 19.91
C VAL A 443 -0.07 0.56 18.84
N ASP A 444 0.31 -0.53 18.18
CA ASP A 444 -0.41 -0.96 17.02
C ASP A 444 -1.83 -1.32 17.35
N SER A 445 -2.13 -1.98 18.49
CA SER A 445 -3.52 -2.33 18.62
C SER A 445 -4.20 -1.60 19.75
N GLY A 446 -4.96 -0.51 19.44
CA GLY A 446 -5.71 0.32 20.39
C GLY A 446 -5.12 1.73 20.48
N PRO A 447 -5.66 2.84 21.18
CA PRO A 447 -5.39 4.34 21.11
C PRO A 447 -4.43 5.28 21.87
N VAL A 448 -4.39 6.62 21.48
CA VAL A 448 -3.58 7.70 22.05
C VAL A 448 -4.41 8.70 22.84
N LEU A 449 -3.81 9.32 23.90
CA LEU A 449 -4.49 10.21 24.84
C LEU A 449 -4.18 11.66 24.53
N ARG A 450 -5.09 12.56 25.00
CA ARG A 450 -5.06 13.98 24.73
C ARG A 450 -3.78 14.60 25.21
N ASP A 451 -3.24 14.18 26.37
CA ASP A 451 -2.00 14.74 26.83
C ASP A 451 -0.93 14.30 25.87
N MET A 452 -0.57 15.16 24.91
CA MET A 452 0.47 14.86 23.98
C MET A 452 1.31 16.10 23.91
N ALA A 453 2.56 16.03 24.42
CA ALA A 453 3.31 17.26 24.47
C ALA A 453 4.61 17.13 23.75
N PHE A 454 5.00 18.23 23.09
CA PHE A 454 6.29 18.32 22.47
C PHE A 454 7.29 18.62 23.53
N SER A 455 8.53 18.18 23.29
CA SER A 455 9.62 18.40 24.20
C SER A 455 9.98 19.86 24.16
N LYS A 456 10.85 20.30 25.09
CA LYS A 456 11.23 21.69 25.15
C LYS A 456 12.02 22.05 23.93
N ASP A 457 12.96 21.18 23.54
CA ASP A 457 13.81 21.39 22.40
C ASP A 457 13.02 21.22 21.13
N HIS A 458 11.84 20.57 21.23
CA HIS A 458 10.96 20.31 20.12
C HIS A 458 11.56 19.33 19.15
N GLU A 459 12.46 18.46 19.63
CA GLU A 459 13.00 17.40 18.82
C GLU A 459 12.01 16.29 18.68
N GLN A 460 11.33 15.94 19.80
CA GLN A 460 10.45 14.79 19.81
C GLN A 460 9.09 15.19 20.28
N LEU A 461 8.15 14.21 20.27
CA LEU A 461 6.81 14.43 20.73
C LEU A 461 6.43 13.23 21.54
N TYR A 462 6.19 13.38 22.86
CA TYR A 462 5.89 12.24 23.67
C TYR A 462 4.45 11.90 23.45
N ILE A 463 4.17 10.63 23.03
CA ILE A 463 2.82 10.24 22.74
C ILE A 463 2.37 9.21 23.74
N MET A 464 1.28 9.52 24.45
CA MET A 464 0.87 8.69 25.55
C MET A 464 -0.28 7.80 25.18
N SER A 465 -0.19 6.56 25.66
CA SER A 465 -1.20 5.60 25.41
C SER A 465 -1.67 5.15 26.75
N GLU A 466 -2.70 4.29 26.76
CA GLU A 466 -3.15 3.83 28.03
C GLU A 466 -1.99 3.11 28.64
N ARG A 467 -1.30 2.25 27.84
CA ARG A 467 -0.18 1.42 28.24
C ARG A 467 1.18 2.06 28.28
N GLN A 468 1.51 2.96 27.32
CA GLN A 468 2.90 3.34 27.26
C GLN A 468 3.04 4.72 26.72
N LEU A 469 4.21 5.33 26.98
CA LEU A 469 4.56 6.64 26.53
C LEU A 469 5.57 6.35 25.46
N THR A 470 5.50 7.08 24.31
CA THR A 470 6.40 6.81 23.23
C THR A 470 7.00 8.09 22.75
N ARG A 471 8.34 8.10 22.59
CA ARG A 471 9.01 9.29 22.15
C ARG A 471 9.11 9.22 20.65
N VAL A 472 8.16 9.91 19.98
CA VAL A 472 8.06 9.98 18.54
C VAL A 472 8.77 11.21 18.07
N PRO A 473 9.76 11.04 17.24
CA PRO A 473 10.48 12.19 16.76
C PRO A 473 9.65 12.97 15.81
N VAL A 474 9.68 14.32 15.92
CA VAL A 474 8.95 15.14 15.01
C VAL A 474 9.54 14.91 13.65
N GLU A 475 10.75 12.78 12.80
CA GLU A 475 11.47 12.81 11.56
C GLU A 475 12.44 11.67 11.50
N SER A 476 12.40 10.90 10.39
CA SER A 476 13.36 9.85 10.15
C SER A 476 13.55 9.76 8.65
N CYS A 477 14.08 10.84 8.07
CA CYS A 477 14.28 11.04 6.66
C CYS A 477 15.39 10.18 6.10
N GLY A 478 16.29 9.69 6.97
CA GLY A 478 17.47 8.95 6.60
C GLY A 478 17.10 7.71 5.84
N GLN A 479 15.87 7.23 6.02
CA GLN A 479 15.39 6.05 5.35
C GLN A 479 15.46 6.28 3.86
N TYR A 480 15.41 7.56 3.40
CA TYR A 480 15.34 7.82 1.98
C TYR A 480 16.71 7.98 1.37
N ARG A 481 17.00 7.07 0.42
CA ARG A 481 18.23 6.91 -0.32
C ARG A 481 18.50 7.92 -1.39
N SER A 482 17.47 8.43 -2.12
CA SER A 482 17.77 9.27 -3.24
C SER A 482 16.95 10.53 -3.18
N CYS A 483 17.42 11.58 -3.88
CA CYS A 483 16.76 12.86 -3.88
C CYS A 483 15.38 12.65 -4.40
N GLY A 484 15.23 11.76 -5.39
CA GLY A 484 13.96 11.54 -6.00
C GLY A 484 13.00 10.95 -5.00
N GLU A 485 13.46 10.00 -4.17
CA GLU A 485 12.64 9.36 -3.17
C GLU A 485 12.39 10.26 -2.00
N CYS A 486 13.43 11.00 -1.55
CA CYS A 486 13.35 11.80 -0.36
C CYS A 486 12.23 12.79 -0.52
N LEU A 487 12.27 13.62 -1.57
CA LEU A 487 11.30 14.64 -1.84
C LEU A 487 10.01 14.00 -2.22
N GLY A 488 10.06 12.73 -2.66
CA GLY A 488 8.90 11.98 -3.09
C GLY A 488 7.94 11.69 -1.97
N SER A 489 8.46 11.35 -0.77
CA SER A 489 7.64 10.95 0.35
C SER A 489 6.72 12.06 0.76
N GLY A 490 7.24 13.29 0.88
CA GLY A 490 6.40 14.43 1.10
C GLY A 490 6.28 14.79 2.56
N ASP A 491 6.58 13.87 3.52
CA ASP A 491 6.52 14.21 4.91
C ASP A 491 7.41 15.40 5.04
N PRO A 492 6.83 16.50 5.41
CA PRO A 492 7.43 17.81 5.29
C PRO A 492 8.78 18.02 5.90
N HIS A 493 9.22 17.16 6.84
CA HIS A 493 10.47 17.32 7.53
C HIS A 493 11.64 17.11 6.60
N CYS A 494 11.46 16.30 5.55
CA CYS A 494 12.57 15.82 4.78
C CYS A 494 12.98 16.71 3.63
N GLY A 495 14.32 16.87 3.48
CA GLY A 495 14.90 17.62 2.40
C GLY A 495 16.16 16.90 1.99
N TRP A 496 16.67 17.20 0.78
CA TRP A 496 17.82 16.52 0.26
C TRP A 496 19.02 17.40 0.47
N CYS A 497 19.96 16.93 1.30
CA CYS A 497 21.17 17.64 1.63
C CYS A 497 22.10 17.28 0.51
N VAL A 498 22.17 18.14 -0.53
CA VAL A 498 22.79 17.76 -1.77
C VAL A 498 24.19 17.24 -1.62
N LEU A 499 25.09 17.99 -0.97
CA LEU A 499 26.48 17.62 -0.91
C LEU A 499 26.70 16.38 -0.10
N HIS A 500 25.91 16.19 0.96
CA HIS A 500 25.98 15.04 1.83
C HIS A 500 25.31 13.85 1.18
N ASN A 501 24.44 14.08 0.18
CA ASN A 501 23.76 12.99 -0.47
C ASN A 501 22.93 12.25 0.53
N THR A 502 22.26 12.97 1.46
CA THR A 502 21.40 12.33 2.43
C THR A 502 20.13 13.11 2.57
N CYS A 503 19.10 12.48 3.20
CA CYS A 503 17.79 13.07 3.35
C CYS A 503 17.55 13.32 4.82
N THR A 504 17.37 14.61 5.21
CA THR A 504 17.12 14.99 6.58
C THR A 504 16.53 16.38 6.64
N ARG A 505 16.31 16.89 7.86
CA ARG A 505 15.71 18.18 8.10
C ARG A 505 16.72 19.26 7.88
N LYS A 506 16.20 20.51 7.83
CA LYS A 506 16.95 21.70 7.57
C LYS A 506 17.99 21.90 8.62
N GLU A 507 17.64 21.66 9.90
CA GLU A 507 18.56 21.87 10.98
C GLU A 507 19.73 20.95 10.85
N ARG A 508 19.48 19.71 10.38
CA ARG A 508 20.47 18.68 10.29
C ARG A 508 21.46 18.92 9.19
N CYS A 509 21.04 19.56 8.07
CA CYS A 509 21.93 19.81 6.97
C CYS A 509 22.88 20.92 7.25
N GLU A 510 24.19 20.62 7.29
CA GLU A 510 25.13 21.67 7.53
C GLU A 510 25.11 22.58 6.33
N ARG A 511 25.17 23.90 6.59
CA ARG A 511 25.25 24.93 5.59
C ARG A 511 24.08 24.88 4.65
N SER A 512 22.91 24.41 5.12
CA SER A 512 21.77 24.31 4.26
C SER A 512 21.29 25.68 3.87
N ARG A 513 21.63 26.69 4.69
CA ARG A 513 21.19 28.05 4.51
C ARG A 513 21.68 28.57 3.19
N GLU A 514 22.88 28.13 2.78
CA GLU A 514 23.52 28.61 1.58
C GLU A 514 22.74 28.16 0.39
N PRO A 515 23.00 28.77 -0.74
CA PRO A 515 22.27 28.48 -1.94
C PRO A 515 22.48 27.12 -2.54
N ARG A 516 21.37 26.48 -2.93
CA ARG A 516 21.26 25.21 -3.62
C ARG A 516 21.90 24.08 -2.86
N ARG A 517 22.26 24.31 -1.59
CA ARG A 517 22.86 23.31 -0.74
C ARG A 517 21.85 22.30 -0.30
N PHE A 518 20.57 22.72 -0.20
CA PHE A 518 19.52 21.89 0.31
C PHE A 518 18.39 21.94 -0.68
N ALA A 519 17.74 20.79 -0.96
CA ALA A 519 16.66 20.75 -1.94
C ALA A 519 15.36 20.39 -1.26
N SER A 520 14.34 21.26 -1.43
CA SER A 520 12.99 21.11 -0.92
C SER A 520 12.05 20.46 -1.87
N GLU A 521 12.15 20.80 -3.18
CA GLU A 521 11.20 20.28 -4.13
C GLU A 521 11.95 19.44 -5.11
N MET A 522 11.23 18.50 -5.75
CA MET A 522 11.82 17.51 -6.62
C MET A 522 12.59 18.21 -7.70
N LYS A 523 12.11 19.39 -8.12
CA LYS A 523 12.70 20.12 -9.20
C LYS A 523 14.14 20.42 -8.88
N GLN A 524 14.43 20.66 -7.59
CA GLN A 524 15.72 21.05 -7.09
C GLN A 524 16.72 19.93 -7.21
N CYS A 525 16.26 18.68 -7.37
CA CYS A 525 17.16 17.55 -7.38
C CYS A 525 18.24 17.71 -8.39
N VAL A 526 17.49 15.18 -7.42
CA VAL A 526 18.62 15.08 -8.30
C VAL A 526 18.20 14.38 -9.56
N ARG A 527 18.52 15.00 -10.72
CA ARG A 527 18.23 14.42 -12.00
C ARG A 527 19.54 14.32 -12.73
N LEU A 528 19.84 13.14 -13.29
CA LEU A 528 21.12 12.93 -13.92
C LEU A 528 20.93 12.31 -15.28
N THR A 529 21.83 12.67 -16.24
CA THR A 529 21.79 12.08 -17.55
C THR A 529 23.21 11.90 -18.03
N VAL A 530 23.44 10.85 -18.85
CA VAL A 530 24.75 10.60 -19.41
C VAL A 530 24.60 10.62 -20.91
N HIS A 531 25.49 11.33 -21.63
CA HIS A 531 25.30 11.39 -23.04
C HIS A 531 25.55 10.06 -23.70
N PRO A 532 26.69 9.42 -23.56
CA PRO A 532 26.78 8.11 -24.15
C PRO A 532 26.13 7.12 -23.25
N ASN A 533 24.81 6.89 -23.39
CA ASN A 533 24.12 6.02 -22.49
C ASN A 533 24.58 4.62 -22.70
N ASN A 534 24.80 4.24 -23.96
CA ASN A 534 25.17 2.89 -24.21
C ASN A 534 26.57 2.83 -24.74
N ILE A 535 27.42 1.99 -24.09
CA ILE A 535 28.77 1.82 -24.54
C ILE A 535 29.02 0.35 -24.68
N SER A 536 29.74 -0.04 -25.75
CA SER A 536 30.02 -1.43 -26.02
C SER A 536 31.10 -1.95 -25.13
N VAL A 537 31.09 -3.27 -24.90
CA VAL A 537 32.05 -3.93 -24.07
C VAL A 537 33.42 -3.80 -24.65
N SER A 538 33.52 -3.86 -25.99
CA SER A 538 34.79 -3.82 -26.69
C SER A 538 35.49 -2.51 -26.48
N GLN A 539 34.73 -1.40 -26.32
CA GLN A 539 35.33 -0.10 -26.22
C GLN A 539 35.99 0.07 -24.88
N TYR A 540 36.94 1.03 -24.78
CA TYR A 540 37.59 1.27 -23.51
C TYR A 540 37.85 2.74 -23.33
N ASN A 541 37.76 3.21 -22.07
CA ASN A 541 38.05 4.56 -21.67
C ASN A 541 37.38 5.55 -22.57
N VAL A 542 36.05 5.40 -22.77
CA VAL A 542 35.33 6.33 -23.60
C VAL A 542 34.96 7.55 -22.82
N LEU A 543 34.98 8.70 -23.51
CA LEU A 543 34.65 9.97 -22.92
C LEU A 543 33.15 10.01 -22.75
N LEU A 544 32.68 10.39 -21.55
CA LEU A 544 31.27 10.48 -21.26
C LEU A 544 31.01 11.84 -20.70
N VAL A 545 29.85 12.46 -21.03
CA VAL A 545 29.53 13.75 -20.48
C VAL A 545 28.33 13.58 -19.58
N LEU A 546 28.36 14.25 -18.40
CA LEU A 546 27.30 14.11 -17.45
C LEU A 546 26.61 15.42 -17.26
N GLU A 547 25.26 15.38 -17.32
CA GLU A 547 24.42 16.53 -17.16
C GLU A 547 23.68 16.32 -15.88
N THR A 548 23.85 17.23 -14.90
CA THR A 548 23.15 17.10 -13.66
C THR A 548 22.53 18.42 -13.33
N TYR A 549 21.32 18.39 -12.75
CA TYR A 549 20.63 19.59 -12.39
C TYR A 549 20.29 19.48 -10.94
N ASN A 550 20.04 20.65 -10.30
CA ASN A 550 19.68 20.73 -8.91
C ASN A 550 20.74 20.11 -8.04
N VAL A 551 22.02 20.45 -8.29
CA VAL A 551 23.11 19.99 -7.47
C VAL A 551 23.93 21.18 -7.04
N PRO A 552 24.49 21.07 -5.85
CA PRO A 552 25.31 22.11 -5.27
C PRO A 552 26.67 22.15 -5.89
N GLU A 553 27.48 23.18 -5.57
CA GLU A 553 28.78 23.30 -6.18
C GLU A 553 29.64 22.16 -5.73
N LEU A 554 30.03 21.37 -6.75
CA LEU A 554 30.84 20.18 -6.77
C LEU A 554 32.30 20.45 -6.72
N SER A 555 32.75 21.72 -6.69
CA SER A 555 34.15 22.06 -6.79
C SER A 555 34.97 21.30 -5.77
N ALA A 556 34.32 20.66 -4.77
CA ALA A 556 35.00 19.86 -3.81
C ALA A 556 35.66 18.71 -4.52
N GLY A 557 35.00 18.17 -5.58
CA GLY A 557 35.54 17.08 -6.36
C GLY A 557 34.53 15.99 -6.44
N VAL A 558 34.50 15.25 -7.58
CA VAL A 558 33.54 14.18 -7.75
C VAL A 558 34.18 13.01 -8.46
N ASN A 559 33.70 11.79 -8.16
CA ASN A 559 34.16 10.59 -8.79
C ASN A 559 32.96 9.89 -9.38
N CYS A 560 33.19 9.16 -10.49
CA CYS A 560 32.14 8.42 -11.14
C CYS A 560 32.31 6.97 -10.78
N THR A 561 31.24 6.35 -10.23
CA THR A 561 31.32 4.96 -9.88
C THR A 561 30.19 4.25 -10.58
N PHE A 562 30.53 3.33 -11.50
CA PHE A 562 29.57 2.61 -12.29
C PHE A 562 28.76 1.75 -11.39
N GLU A 563 29.44 1.16 -10.40
CA GLU A 563 28.84 0.36 -9.37
C GLU A 563 29.94 0.22 -8.38
N ASP A 564 29.82 -0.78 -7.51
CA ASP A 564 30.81 -1.04 -6.51
C ASP A 564 32.05 -1.51 -7.20
N LEU A 565 31.94 -1.86 -8.50
CA LEU A 565 32.99 -2.41 -9.32
C LEU A 565 34.15 -1.48 -9.56
N SER A 566 33.91 -0.22 -10.01
CA SER A 566 35.01 0.61 -10.41
C SER A 566 34.74 2.04 -10.05
N GLU A 567 35.76 2.93 -10.21
CA GLU A 567 35.55 4.33 -9.92
C GLU A 567 36.58 5.11 -10.70
N MET A 568 36.14 6.13 -11.49
CA MET A 568 37.06 6.88 -12.31
C MET A 568 36.95 8.34 -11.95
N ASP A 569 38.09 9.06 -12.00
CA ASP A 569 38.13 10.45 -11.64
C ASP A 569 37.50 11.25 -12.73
N GLY A 570 36.98 12.45 -12.38
CA GLY A 570 36.35 13.28 -13.36
C GLY A 570 36.77 14.70 -13.15
N LEU A 571 36.70 15.50 -14.25
CA LEU A 571 37.08 16.89 -14.30
C LEU A 571 35.84 17.67 -14.65
N VAL A 572 35.69 18.91 -14.12
CA VAL A 572 34.47 19.63 -14.39
C VAL A 572 34.72 20.84 -15.25
N ILE A 573 33.84 21.03 -16.26
CA ILE A 573 33.90 22.16 -17.12
C ILE A 573 32.48 22.55 -17.45
N GLY A 574 32.21 23.87 -17.55
CA GLY A 574 30.88 24.30 -17.91
C GLY A 574 29.94 23.78 -16.87
N ASN A 575 28.74 23.33 -17.33
CA ASN A 575 27.80 22.75 -16.43
C ASN A 575 27.75 21.28 -16.74
N GLN A 576 28.94 20.63 -16.81
CA GLN A 576 28.96 19.24 -17.16
C GLN A 576 30.09 18.58 -16.43
N ILE A 577 30.03 17.24 -16.31
CA ILE A 577 31.09 16.49 -15.69
C ILE A 577 31.62 15.52 -16.70
N GLN A 578 32.96 15.44 -16.84
CA GLN A 578 33.55 14.54 -17.81
C GLN A 578 34.31 13.45 -17.10
N CYS A 579 33.87 12.18 -17.32
CA CYS A 579 34.50 11.01 -16.76
C CYS A 579 34.75 10.06 -17.90
N TYR A 580 35.47 8.95 -17.61
CA TYR A 580 35.85 8.03 -18.64
C TYR A 580 35.28 6.69 -18.27
N SER A 581 35.01 5.84 -19.29
CA SER A 581 34.49 4.52 -19.03
C SER A 581 35.62 3.68 -18.53
N PRO A 582 35.31 2.51 -18.04
CA PRO A 582 36.33 1.63 -17.54
C PRO A 582 37.08 0.98 -18.65
N ALA A 583 38.22 0.35 -18.34
CA ALA A 583 39.03 -0.32 -19.32
C ALA A 583 38.39 -1.63 -19.66
N ALA A 584 38.80 -2.19 -20.82
CA ALA A 584 38.31 -3.45 -21.28
C ALA A 584 38.67 -4.47 -20.24
N LYS A 585 39.81 -4.29 -19.57
CA LYS A 585 40.16 -5.26 -18.58
C LYS A 585 39.08 -5.30 -17.53
N GLU A 586 38.60 -4.10 -17.10
CA GLU A 586 37.61 -3.95 -16.08
C GLU A 586 36.19 -4.26 -16.49
N VAL A 587 35.78 -3.87 -17.71
CA VAL A 587 34.40 -3.97 -18.11
C VAL A 587 33.88 -5.38 -18.21
N PRO A 588 34.57 -6.31 -18.83
CA PRO A 588 34.06 -7.65 -18.92
C PRO A 588 33.90 -8.41 -17.66
N ARG A 589 34.59 -8.02 -16.57
CA ARG A 589 34.47 -8.77 -15.36
C ARG A 589 33.02 -8.69 -15.00
N ILE A 590 32.39 -7.52 -15.24
CA ILE A 590 30.99 -7.31 -14.96
C ILE A 590 30.13 -8.10 -15.92
N ILE A 591 30.37 -7.94 -17.23
CA ILE A 591 29.55 -8.42 -18.31
C ILE A 591 29.42 -9.89 -18.31
N THR A 592 30.46 -10.62 -17.89
CA THR A 592 30.40 -12.06 -17.97
C THR A 592 29.20 -12.59 -17.26
N GLU A 593 28.48 -13.48 -17.98
CA GLU A 593 27.31 -14.23 -17.63
C GLU A 593 26.05 -13.42 -17.69
N ASN A 594 26.12 -12.08 -17.84
CA ASN A 594 24.91 -11.32 -18.01
C ASN A 594 24.46 -11.40 -19.45
N GLY A 595 25.40 -11.69 -20.36
CA GLY A 595 25.07 -11.96 -21.73
C GLY A 595 24.73 -10.75 -22.54
N ASP A 596 23.46 -10.66 -22.98
CA ASP A 596 23.01 -9.71 -23.96
C ASP A 596 23.40 -8.32 -23.56
N HIS A 597 23.07 -7.92 -22.32
CA HIS A 597 23.48 -6.60 -21.92
C HIS A 597 23.32 -6.51 -20.44
N HIS A 598 23.99 -5.51 -19.83
CA HIS A 598 23.83 -5.35 -18.42
C HIS A 598 23.61 -3.91 -18.12
N VAL A 599 22.43 -3.59 -17.57
CA VAL A 599 22.20 -2.22 -17.21
C VAL A 599 22.84 -2.03 -15.88
N VAL A 600 23.56 -0.92 -15.71
CA VAL A 600 24.25 -0.65 -14.48
C VAL A 600 23.92 0.72 -14.02
N GLN A 601 23.85 0.89 -12.68
CA GLN A 601 23.47 2.16 -12.13
C GLN A 601 24.71 2.95 -11.87
N LEU A 602 25.02 3.89 -12.80
CA LEU A 602 26.19 4.70 -12.67
C LEU A 602 25.89 5.75 -11.66
N GLN A 603 26.75 5.90 -10.64
CA GLN A 603 26.46 6.83 -9.61
C GLN A 603 27.52 7.88 -9.59
N LEU A 604 27.30 8.94 -8.79
CA LEU A 604 28.27 9.97 -8.62
C LEU A 604 28.64 9.96 -7.17
N LYS A 605 29.95 9.84 -6.87
CA LYS A 605 30.35 9.84 -5.50
C LYS A 605 31.00 11.17 -5.22
N SER A 606 30.43 11.95 -4.28
CA SER A 606 30.95 13.25 -3.97
C SER A 606 32.16 13.12 -3.09
N LYS A 607 33.13 14.00 -3.32
CA LYS A 607 34.37 14.00 -2.58
C LYS A 607 34.12 14.37 -1.16
N GLU A 608 33.31 15.42 -0.92
CA GLU A 608 33.21 15.81 0.46
C GLU A 608 32.48 14.79 1.28
N THR A 609 31.28 14.36 0.85
CA THR A 609 30.53 13.41 1.63
C THR A 609 31.08 12.03 1.51
N GLY A 610 31.36 11.59 0.27
CA GLY A 610 31.83 10.24 0.05
C GLY A 610 30.66 9.30 -0.06
N MET A 611 29.46 9.80 -0.43
CA MET A 611 28.32 8.93 -0.61
C MET A 611 27.74 9.16 -1.98
N THR A 612 27.28 8.07 -2.65
CA THR A 612 26.71 8.17 -3.98
C THR A 612 25.33 8.77 -3.88
N PHE A 613 25.14 9.95 -4.49
CA PHE A 613 23.84 10.56 -4.49
C PHE A 613 22.97 10.33 -5.71
N ALA A 614 23.56 10.49 -6.92
CA ALA A 614 22.77 10.54 -8.12
C ALA A 614 23.03 9.33 -8.98
N SER A 615 22.00 8.87 -9.71
CA SER A 615 22.20 7.69 -10.51
C SER A 615 21.53 7.82 -11.85
N THR A 616 21.89 6.92 -12.79
CA THR A 616 21.30 6.87 -14.10
C THR A 616 21.41 5.47 -14.64
N SER A 617 20.60 5.15 -15.68
CA SER A 617 20.67 3.84 -16.27
C SER A 617 21.76 3.88 -17.28
N PHE A 618 22.77 3.00 -17.12
CA PHE A 618 23.92 2.96 -17.97
C PHE A 618 23.98 1.58 -18.55
N VAL A 619 24.12 1.46 -19.89
CA VAL A 619 24.08 0.15 -20.49
C VAL A 619 25.41 -0.29 -21.03
N PHE A 620 25.80 -1.53 -20.64
CA PHE A 620 26.96 -2.14 -21.22
C PHE A 620 26.44 -3.20 -22.15
N TYR A 621 26.62 -3.00 -23.47
CA TYR A 621 26.08 -3.97 -24.39
C TYR A 621 27.19 -4.75 -25.03
N ASN A 622 27.03 -4.73 -25.51
CA ASN A 622 28.17 -5.17 -26.27
C ASN A 622 27.65 -5.98 -27.41
N CYS A 623 27.80 -5.48 -28.65
CA CYS A 623 27.30 -6.13 -29.84
C CYS A 623 28.05 -7.39 -30.14
N SER A 624 29.37 -7.42 -29.88
CA SER A 624 30.27 -8.45 -30.34
C SER A 624 29.84 -9.83 -29.91
N VAL A 625 29.20 -9.96 -28.75
CA VAL A 625 28.85 -11.24 -28.21
C VAL A 625 27.91 -11.97 -29.12
N HIS A 626 27.04 -11.25 -29.86
CA HIS A 626 26.09 -11.90 -30.71
C HIS A 626 26.80 -12.74 -31.74
N ASN A 627 26.44 -14.04 -31.76
CA ASN A 627 26.91 -15.09 -32.61
C ASN A 627 26.27 -15.13 -33.97
N SER A 628 25.06 -14.55 -34.15
CA SER A 628 24.41 -14.72 -35.41
C SER A 628 23.78 -13.42 -35.85
N CYS A 629 23.40 -13.34 -37.14
CA CYS A 629 22.84 -12.16 -37.73
C CYS A 629 21.55 -11.80 -37.06
N LEU A 630 20.69 -12.80 -36.79
CA LEU A 630 19.38 -12.52 -36.22
C LEU A 630 19.53 -11.88 -34.88
N SER A 631 20.40 -12.43 -34.02
CA SER A 631 20.54 -11.86 -32.71
C SER A 631 21.08 -10.48 -32.85
N CYS A 632 22.02 -10.27 -33.79
CA CYS A 632 22.65 -8.98 -33.91
C CYS A 632 21.70 -7.89 -34.30
N VAL A 633 21.03 -8.01 -35.47
CA VAL A 633 20.11 -6.98 -35.94
C VAL A 633 18.75 -7.05 -35.33
N GLU A 634 18.17 -8.27 -35.33
CA GLU A 634 16.80 -8.55 -34.98
C GLU A 634 16.58 -8.26 -33.54
N SER A 635 17.66 -8.27 -32.74
CA SER A 635 17.55 -8.04 -31.32
C SER A 635 17.06 -6.64 -31.04
N PRO A 636 17.03 -6.34 -29.77
CA PRO A 636 16.61 -5.03 -29.34
C PRO A 636 17.54 -3.86 -29.49
N TYR A 637 18.82 -4.05 -29.88
CA TYR A 637 19.70 -2.91 -29.84
C TYR A 637 20.23 -2.58 -31.20
N ARG A 638 20.96 -1.45 -31.29
CA ARG A 638 21.52 -1.05 -32.54
C ARG A 638 22.85 -1.73 -32.70
N CYS A 639 22.87 -2.79 -33.53
CA CYS A 639 24.08 -3.50 -33.79
C CYS A 639 24.09 -3.85 -35.25
N HIS A 640 25.30 -3.91 -35.87
CA HIS A 640 25.37 -4.17 -37.27
C HIS A 640 26.07 -5.48 -37.50
N TRP A 641 25.62 -6.25 -38.52
CA TRP A 641 26.20 -7.55 -38.77
C TRP A 641 26.98 -7.51 -40.05
N CYS A 642 28.16 -8.15 -40.04
CA CYS A 642 28.99 -8.14 -41.20
C CYS A 642 28.92 -9.51 -41.82
N LYS A 643 28.27 -9.60 -43.00
CA LYS A 643 28.03 -10.87 -43.62
C LYS A 643 29.31 -11.61 -43.83
N TYR A 644 30.34 -10.92 -44.36
CA TYR A 644 31.60 -11.54 -44.70
C TYR A 644 32.45 -11.93 -43.51
N ARG A 645 32.63 -11.01 -42.55
CA ARG A 645 33.44 -11.27 -41.38
C ARG A 645 32.70 -12.26 -40.52
N HIS A 646 31.36 -12.24 -40.61
CA HIS A 646 30.51 -13.06 -39.79
C HIS A 646 30.70 -12.68 -38.35
N VAL A 647 30.76 -11.36 -38.07
CA VAL A 647 30.88 -10.87 -36.72
C VAL A 647 29.91 -9.73 -36.56
N CYS A 648 29.45 -9.47 -35.31
CA CYS A 648 28.51 -8.41 -35.01
C CYS A 648 29.28 -7.32 -34.32
N THR A 649 29.09 -6.05 -34.77
CA THR A 649 29.80 -4.94 -34.19
C THR A 649 28.98 -3.70 -34.33
N HIS A 650 29.30 -2.70 -33.46
CA HIS A 650 28.68 -1.42 -33.44
C HIS A 650 29.12 -0.58 -34.61
N ASP A 651 30.38 -0.72 -35.08
CA ASP A 651 30.89 0.16 -36.11
C ASP A 651 30.74 -0.42 -37.49
N PRO A 652 30.23 0.40 -38.36
CA PRO A 652 30.01 0.06 -39.74
C PRO A 652 31.28 -0.22 -40.48
N ASN A 653 32.36 0.50 -40.11
CA ASN A 653 33.64 0.46 -40.77
C ASN A 653 34.31 -0.86 -40.55
N THR A 654 34.05 -1.47 -39.38
CA THR A 654 34.71 -2.69 -39.01
C THR A 654 34.28 -3.79 -39.95
N CYS A 655 33.11 -3.67 -40.59
CA CYS A 655 32.69 -4.71 -41.48
C CYS A 655 33.68 -4.82 -42.62
N SER A 656 33.67 -5.99 -43.30
CA SER A 656 34.62 -6.29 -44.33
C SER A 656 34.61 -5.21 -45.35
N PHE A 657 33.46 -4.95 -45.97
CA PHE A 657 33.34 -3.88 -46.92
C PHE A 657 31.90 -3.47 -47.02
N GLN A 658 31.62 -2.40 -47.79
CA GLN A 658 30.34 -1.74 -47.78
C GLN A 658 29.19 -2.66 -48.07
N GLU A 659 29.32 -3.57 -49.05
CA GLU A 659 28.24 -4.42 -49.49
C GLU A 659 27.84 -5.44 -48.44
N GLY A 660 28.77 -5.76 -47.53
CA GLY A 660 28.73 -6.71 -46.45
C GLY A 660 27.87 -6.33 -45.26
N ARG A 661 27.49 -5.05 -45.08
CA ARG A 661 26.83 -4.63 -43.86
C ARG A 661 25.38 -5.04 -43.80
N VAL A 662 24.92 -5.52 -42.62
CA VAL A 662 23.55 -5.90 -42.44
C VAL A 662 22.94 -5.03 -41.36
N LYS A 663 22.13 -4.03 -41.78
CA LYS A 663 21.34 -3.16 -40.95
C LYS A 663 19.97 -3.71 -40.66
N LEU A 664 19.37 -4.45 -41.62
CA LEU A 664 17.99 -4.86 -41.46
C LEU A 664 17.91 -6.35 -41.35
N PRO A 665 16.91 -6.80 -40.62
CA PRO A 665 16.73 -8.21 -40.37
C PRO A 665 16.37 -9.03 -41.57
N GLU A 666 15.72 -8.43 -42.58
CA GLU A 666 15.25 -9.09 -43.75
C GLU A 666 16.43 -9.53 -44.58
N ASP A 667 17.48 -8.70 -44.59
CA ASP A 667 18.69 -8.83 -45.34
C ASP A 667 19.59 -9.93 -44.84
N CYS A 668 19.36 -10.47 -43.63
CA CYS A 668 20.29 -11.42 -43.07
C CYS A 668 20.47 -12.62 -43.95
N PRO A 669 20.48 -13.16 -43.51
CA PRO A 669 20.48 -14.35 -44.29
C PRO A 669 19.61 -15.31 -43.54
N GLN A 670 18.49 -15.76 -44.12
CA GLN A 670 17.58 -16.60 -43.40
C GLN A 670 16.83 -17.45 -44.38
N LEU A 671 16.25 -18.57 -43.90
CA LEU A 671 15.54 -19.46 -44.77
C LEU A 671 14.05 -19.26 -44.63
N LEU A 672 13.38 -18.99 -45.76
CA LEU A 672 11.97 -18.76 -45.82
C LEU A 672 11.29 -20.09 -45.95
N ARG A 673 10.04 -20.19 -45.43
CA ARG A 673 9.31 -21.42 -45.47
C ARG A 673 8.50 -21.55 -46.71
N VAL A 674 8.27 -22.82 -47.12
CA VAL A 674 7.46 -23.16 -48.25
C VAL A 674 6.52 -24.21 -47.74
N ASP A 675 5.64 -24.75 -48.62
CA ASP A 675 4.72 -25.77 -48.22
C ASP A 675 5.55 -26.85 -47.62
N LYS A 676 5.01 -27.61 -46.64
CA LYS A 676 5.78 -28.56 -45.88
C LYS A 676 6.61 -29.45 -46.77
N ILE A 677 7.84 -29.74 -46.30
CA ILE A 677 8.77 -30.54 -47.05
C ILE A 677 8.50 -31.97 -46.71
N LEU A 678 7.96 -32.72 -47.68
CA LEU A 678 7.65 -34.09 -47.44
C LEU A 678 8.74 -34.92 -48.05
N VAL A 679 9.27 -35.88 -47.28
CA VAL A 679 10.33 -36.69 -47.82
C VAL A 679 10.07 -38.14 -47.49
N PRO A 680 9.92 -38.93 -48.52
CA PRO A 680 9.72 -40.34 -48.35
C PRO A 680 11.03 -41.00 -48.08
N VAL A 681 11.04 -42.11 -47.31
CA VAL A 681 12.27 -42.80 -47.06
C VAL A 681 12.57 -43.66 -48.26
N GLU A 682 13.87 -43.79 -48.61
CA GLU A 682 14.30 -44.62 -49.69
C GLU A 682 13.90 -44.09 -51.05
N VAL A 683 13.67 -42.77 -51.20
CA VAL A 683 13.34 -42.27 -52.50
C VAL A 683 14.33 -41.21 -52.85
N ILE A 684 14.80 -41.19 -54.11
CA ILE A 684 15.73 -40.17 -54.48
C ILE A 684 14.92 -38.96 -54.82
N LYS A 685 15.14 -37.84 -54.08
CA LYS A 685 14.37 -36.65 -54.34
C LYS A 685 15.19 -35.43 -54.02
N PRO A 686 14.98 -34.39 -54.81
CA PRO A 686 15.62 -33.12 -54.53
C PRO A 686 14.78 -32.34 -53.57
N ILE A 687 15.38 -31.41 -52.80
CA ILE A 687 14.57 -30.62 -51.91
C ILE A 687 14.84 -29.17 -52.18
N THR A 688 13.92 -28.50 -52.87
CA THR A 688 14.11 -27.12 -53.20
C THR A 688 13.79 -26.29 -51.99
N LEU A 689 14.54 -25.18 -51.82
CA LEU A 689 14.34 -24.30 -50.70
C LEU A 689 14.30 -22.90 -51.19
N LYS A 690 13.63 -22.03 -50.41
CA LYS A 690 13.55 -20.63 -50.69
C LYS A 690 14.16 -19.95 -49.49
N ALA A 691 14.65 -18.70 -49.65
CA ALA A 691 15.32 -18.01 -48.56
C ALA A 691 15.55 -16.59 -48.98
N LYS A 692 16.32 -15.81 -48.17
CA LYS A 692 16.62 -14.45 -48.51
C LYS A 692 18.04 -14.10 -48.16
N ASN A 693 18.62 -13.18 -48.97
CA ASN A 693 19.92 -12.59 -48.78
C ASN A 693 20.98 -13.62 -48.54
N LEU A 694 20.99 -14.71 -49.33
CA LEU A 694 22.03 -15.70 -49.20
C LEU A 694 23.29 -15.11 -49.77
N PRO A 695 24.36 -15.22 -49.04
CA PRO A 695 25.63 -14.64 -49.41
C PRO A 695 26.32 -15.37 -50.51
N GLN A 696 27.10 -14.65 -51.33
CA GLN A 696 27.87 -15.35 -52.30
C GLN A 696 29.17 -15.63 -51.62
N PRO A 697 29.57 -16.87 -51.62
CA PRO A 697 30.76 -17.22 -50.92
C PRO A 697 31.94 -16.50 -51.50
N GLN A 698 32.79 -15.93 -50.62
CA GLN A 698 33.91 -15.16 -51.05
C GLN A 698 35.12 -16.03 -51.15
N SER A 699 36.27 -15.41 -51.48
CA SER A 699 37.45 -16.19 -51.69
C SER A 699 37.77 -16.94 -50.43
N GLY A 700 38.26 -18.17 -50.61
CA GLY A 700 38.65 -19.01 -49.52
C GLY A 700 37.43 -19.55 -48.85
N GLN A 701 36.26 -19.47 -49.52
CA GLN A 701 35.08 -19.97 -48.88
C GLN A 701 34.40 -20.96 -49.77
N ARG A 702 33.89 -22.05 -49.17
CA ARG A 702 33.26 -23.12 -49.88
C ARG A 702 31.79 -22.87 -50.04
N GLY A 703 31.09 -23.82 -50.71
CA GLY A 703 29.69 -23.71 -51.03
C GLY A 703 28.79 -24.28 -49.96
N TYR A 704 27.49 -24.44 -50.30
CA TYR A 704 26.41 -24.82 -49.43
C TYR A 704 26.19 -26.30 -49.33
N GLU A 705 25.70 -26.72 -48.14
CA GLU A 705 25.39 -28.09 -47.83
C GLU A 705 24.11 -28.12 -47.03
N CYS A 706 23.40 -29.26 -47.07
CA CYS A 706 22.19 -29.45 -46.31
C CYS A 706 22.52 -30.49 -45.29
N ILE A 707 22.27 -30.21 -44.00
CA ILE A 707 22.59 -31.18 -42.99
C ILE A 707 21.30 -31.57 -42.32
N LEU A 708 20.99 -32.88 -42.30
CA LEU A 708 19.79 -33.31 -41.66
C LEU A 708 20.16 -33.95 -40.37
N ASN A 709 19.49 -33.52 -39.29
CA ASN A 709 19.82 -34.06 -38.01
C ASN A 709 18.87 -35.16 -37.72
N ILE A 710 19.26 -36.39 -38.07
CA ILE A 710 18.47 -37.55 -37.81
C ILE A 710 19.29 -38.35 -36.83
N GLN A 711 18.70 -38.76 -35.71
CA GLN A 711 19.48 -39.42 -34.71
C GLN A 711 20.09 -40.66 -35.29
N GLY A 712 19.31 -41.42 -36.08
CA GLY A 712 19.86 -42.64 -36.60
C GLY A 712 21.01 -42.32 -37.51
N ILE A 713 20.80 -41.43 -38.51
CA ILE A 713 21.90 -41.09 -39.37
C ILE A 713 21.78 -39.67 -39.78
N GLU A 714 22.90 -38.93 -39.76
CA GLU A 714 22.91 -37.55 -40.15
C GLU A 714 23.47 -37.51 -41.54
N GLN A 715 22.75 -36.86 -42.48
CA GLN A 715 23.16 -36.86 -43.86
C GLN A 715 23.74 -35.54 -44.24
N ARG A 716 24.87 -35.57 -44.97
CA ARG A 716 25.48 -34.35 -45.44
C ARG A 716 25.35 -34.34 -46.93
N VAL A 717 24.51 -33.45 -47.49
CA VAL A 717 24.34 -33.39 -48.91
C VAL A 717 24.69 -32.00 -49.37
N PRO A 718 25.55 -31.90 -50.35
CA PRO A 718 25.93 -30.61 -50.86
C PRO A 718 24.82 -30.01 -51.68
N ALA A 719 24.77 -28.67 -51.78
CA ALA A 719 23.69 -28.03 -52.47
C ALA A 719 24.20 -26.91 -53.32
N LEU A 720 23.31 -26.32 -54.14
CA LEU A 720 23.69 -25.25 -55.02
C LEU A 720 22.88 -24.04 -54.68
N ARG A 721 23.54 -22.86 -54.57
CA ARG A 721 22.82 -21.64 -54.32
C ARG A 721 22.63 -20.97 -55.64
N PHE A 722 21.38 -21.02 -56.16
CA PHE A 722 21.07 -20.47 -57.45
C PHE A 722 21.18 -18.98 -57.42
N ASN A 723 20.59 -18.34 -56.38
CA ASN A 723 20.62 -16.92 -56.26
C ASN A 723 20.44 -16.56 -54.82
N SER A 724 20.23 -15.27 -54.54
CA SER A 724 20.14 -14.81 -53.18
C SER A 724 18.94 -15.40 -52.52
N SER A 725 18.01 -16.02 -53.27
CA SER A 725 16.84 -16.48 -52.56
C SER A 725 16.43 -17.89 -52.90
N SER A 726 17.33 -18.83 -53.26
CA SER A 726 16.85 -20.17 -53.50
C SER A 726 17.98 -21.14 -53.37
N VAL A 727 17.69 -22.35 -52.84
CA VAL A 727 18.71 -23.36 -52.63
C VAL A 727 18.13 -24.71 -52.99
N GLN A 728 18.97 -25.76 -53.13
CA GLN A 728 18.44 -27.07 -53.43
C GLN A 728 19.47 -28.13 -53.13
N CYS A 729 19.10 -29.10 -52.26
CA CYS A 729 19.94 -30.22 -51.92
C CYS A 729 19.83 -31.16 -53.09
N GLN A 730 20.92 -31.89 -53.42
CA GLN A 730 20.94 -32.73 -54.59
C GLN A 730 20.28 -34.05 -54.35
N ASN A 731 19.94 -34.74 -55.46
CA ASN A 731 19.20 -35.98 -55.44
C ASN A 731 19.82 -36.93 -54.47
N THR A 732 19.04 -37.33 -53.44
CA THR A 732 19.51 -38.28 -52.48
C THR A 732 18.31 -38.92 -51.82
N SER A 733 18.55 -40.02 -51.07
CA SER A 733 17.50 -40.72 -50.39
C SER A 733 17.84 -40.73 -48.93
N TYR A 734 16.81 -40.76 -48.05
CA TYR A 734 17.06 -40.67 -46.64
C TYR A 734 16.36 -41.80 -45.95
N SER A 735 16.88 -42.19 -44.75
CA SER A 735 16.23 -43.24 -44.02
C SER A 735 16.55 -43.11 -42.56
N TYR A 736 15.70 -43.73 -41.71
CA TYR A 736 15.94 -43.82 -40.30
C TYR A 736 15.63 -45.23 -39.93
N GLU A 737 16.34 -45.77 -38.93
CA GLU A 737 16.10 -47.16 -38.61
C GLU A 737 15.14 -47.23 -37.46
N GLY A 738 14.22 -48.22 -37.50
CA GLY A 738 13.29 -48.40 -36.42
C GLY A 738 11.90 -48.76 -36.89
N MET A 739 11.34 -48.07 -37.92
CA MET A 739 10.01 -48.37 -38.37
C MET A 739 9.05 -48.16 -37.24
N GLU A 740 9.45 -47.35 -36.25
CA GLU A 740 8.65 -47.07 -35.08
C GLU A 740 7.54 -46.11 -35.37
N ILE A 741 7.83 -44.99 -36.07
CA ILE A 741 6.81 -44.00 -36.27
C ILE A 741 6.80 -43.54 -37.71
N ASN A 742 5.56 -43.33 -38.23
CA ASN A 742 5.28 -42.94 -39.58
C ASN A 742 5.85 -41.61 -39.91
N ASN A 743 5.53 -40.60 -39.10
CA ASN A 743 5.94 -39.27 -39.46
C ASN A 743 6.97 -38.78 -38.49
N LEU A 744 8.19 -38.54 -39.00
CA LEU A 744 9.26 -38.06 -38.17
C LEU A 744 9.73 -36.73 -38.67
N PRO A 745 9.51 -35.69 -37.91
CA PRO A 745 10.00 -34.39 -38.30
C PRO A 745 11.46 -34.31 -38.00
N VAL A 746 12.28 -33.66 -38.85
CA VAL A 746 13.69 -33.62 -38.56
C VAL A 746 14.20 -32.22 -38.71
N GLU A 747 15.06 -31.78 -37.78
CA GLU A 747 15.61 -30.47 -37.92
C GLU A 747 16.64 -30.51 -39.00
N LEU A 748 16.66 -29.46 -39.85
CA LEU A 748 17.65 -29.39 -40.89
C LEU A 748 18.41 -28.11 -40.72
N THR A 749 19.73 -28.17 -40.99
CA THR A 749 20.54 -26.98 -40.89
C THR A 749 21.23 -26.78 -42.20
N VAL A 750 21.13 -25.56 -42.76
CA VAL A 750 21.81 -25.25 -44.00
C VAL A 750 23.10 -24.59 -43.67
N VAL A 751 24.20 -25.16 -44.18
CA VAL A 751 25.49 -24.65 -43.85
C VAL A 751 26.25 -24.32 -45.10
N TRP A 752 27.20 -23.38 -44.99
CA TRP A 752 28.09 -23.09 -46.09
C TRP A 752 29.44 -22.85 -45.48
N ASN A 753 30.50 -23.13 -46.26
CA ASN A 753 31.87 -22.96 -45.84
C ASN A 753 32.15 -23.82 -44.65
N GLY A 754 31.39 -24.91 -44.48
CA GLY A 754 31.68 -25.93 -43.52
C GLY A 754 30.92 -25.73 -42.23
N HIS A 755 31.28 -24.67 -41.46
CA HIS A 755 30.66 -24.36 -40.21
C HIS A 755 29.54 -23.36 -40.24
N PHE A 756 29.52 -22.43 -41.21
CA PHE A 756 28.58 -21.34 -41.12
C PHE A 756 27.18 -21.83 -41.33
N ASN A 757 26.34 -21.71 -40.27
CA ASN A 757 24.98 -22.15 -40.34
C ASN A 757 24.13 -20.94 -40.60
N ILE A 758 23.26 -21.01 -41.62
CA ILE A 758 22.36 -19.95 -41.94
C ILE A 758 21.23 -20.01 -40.94
N ASP A 759 20.70 -18.82 -40.57
CA ASP A 759 19.67 -18.72 -39.57
C ASP A 759 18.38 -19.30 -40.06
N ASN A 760 17.67 -20.00 -39.14
CA ASN A 760 16.40 -20.60 -39.46
C ASN A 760 15.40 -20.16 -38.42
N PRO A 761 14.80 -19.01 -38.56
CA PRO A 761 13.83 -18.46 -37.63
C PRO A 761 12.60 -19.31 -37.44
N ALA A 762 11.98 -19.76 -38.54
CA ALA A 762 10.81 -20.59 -38.56
C ALA A 762 11.18 -21.92 -38.01
N GLN A 763 12.48 -22.26 -38.13
CA GLN A 763 12.99 -23.54 -37.73
C GLN A 763 12.31 -24.60 -38.54
N ASN A 764 12.38 -24.44 -39.88
CA ASN A 764 11.75 -25.35 -40.78
C ASN A 764 12.38 -26.70 -40.69
N LYS A 765 11.54 -27.75 -40.79
CA LYS A 765 12.01 -29.10 -40.69
C LYS A 765 11.58 -29.90 -41.86
N VAL A 766 12.22 -31.08 -42.02
CA VAL A 766 11.91 -31.98 -43.09
C VAL A 766 11.18 -33.14 -42.49
N TYR A 767 10.08 -33.56 -43.12
CA TYR A 767 9.28 -34.63 -42.57
C TYR A 767 9.63 -35.87 -43.32
N LEU A 768 10.22 -36.86 -42.63
CA LEU A 768 10.55 -38.10 -43.26
C LEU A 768 9.42 -39.03 -42.96
N TYR A 769 8.69 -39.48 -44.01
CA TYR A 769 7.60 -40.37 -43.75
C TYR A 769 7.81 -41.64 -44.48
N LYS A 770 7.41 -42.75 -43.83
CA LYS A 770 7.50 -44.04 -44.45
C LYS A 770 6.11 -44.51 -44.67
N CYS A 771 4.58 -48.20 -45.35
CA CYS A 771 3.50 -48.83 -46.05
C CYS A 771 3.24 -50.10 -45.33
N GLY A 772 1.95 -50.28 -45.07
CA GLY A 772 1.24 -51.21 -44.24
C GLY A 772 2.00 -52.21 -43.44
N ALA A 773 2.41 -51.82 -42.23
CA ALA A 773 2.73 -52.76 -41.20
C ALA A 773 1.41 -53.15 -40.62
N MET A 774 0.50 -52.14 -40.59
CA MET A 774 -0.85 -52.10 -40.09
C MET A 774 -1.90 -52.70 -40.99
N ARG A 775 -1.76 -52.64 -42.33
CA ARG A 775 -2.89 -53.03 -43.15
C ARG A 775 -2.56 -54.15 -44.09
N GLU A 776 -3.16 -55.33 -43.83
CA GLU A 776 -3.12 -56.54 -44.60
C GLU A 776 -4.12 -56.53 -45.72
N SER A 777 -5.09 -55.60 -45.70
CA SER A 777 -6.17 -55.69 -46.65
C SER A 777 -6.25 -54.44 -47.49
N CYS A 778 -6.65 -54.62 -48.76
CA CYS A 778 -6.67 -53.58 -49.74
C CYS A 778 -7.55 -52.46 -49.29
N GLY A 779 -8.67 -52.78 -48.61
CA GLY A 779 -9.64 -51.82 -48.15
C GLY A 779 -9.01 -50.87 -47.16
N LEU A 780 -8.10 -51.37 -46.31
CA LEU A 780 -7.47 -50.56 -45.30
C LEU A 780 -6.55 -49.53 -45.88
N CYS A 781 -5.79 -49.87 -46.94
CA CYS A 781 -4.82 -48.95 -47.51
C CYS A 781 -5.44 -47.78 -48.19
N LEU A 782 -6.45 -48.04 -49.03
CA LEU A 782 -7.13 -47.06 -49.81
C LEU A 782 -7.86 -46.16 -48.86
N LYS A 783 -8.19 -46.70 -47.67
CA LYS A 783 -8.86 -45.96 -46.64
C LYS A 783 -7.96 -44.88 -46.10
N ALA A 784 -6.64 -45.15 -45.99
CA ALA A 784 -5.66 -44.25 -45.43
C ALA A 784 -5.53 -43.03 -46.29
N ASP A 785 -4.76 -42.02 -45.79
CA ASP A 785 -4.69 -40.76 -46.47
C ASP A 785 -4.06 -40.89 -47.82
N PRO A 786 -4.57 -40.04 -48.69
CA PRO A 786 -4.09 -39.93 -50.04
C PRO A 786 -2.72 -39.33 -50.05
N ASP A 787 -2.33 -38.65 -48.94
CA ASP A 787 -1.06 -37.99 -48.83
C ASP A 787 0.06 -38.98 -48.84
N PHE A 788 -0.11 -40.13 -48.13
CA PHE A 788 0.93 -41.10 -47.96
C PHE A 788 1.35 -41.57 -49.32
N GLU A 789 0.39 -41.63 -50.26
CA GLU A 789 0.64 -42.09 -51.60
C GLU A 789 0.80 -43.57 -51.53
N CYS A 790 0.55 -44.17 -50.35
CA CYS A 790 0.65 -45.58 -50.17
C CYS A 790 -0.57 -46.20 -50.81
N GLY A 791 -0.40 -47.33 -51.54
CA GLY A 791 -1.50 -47.96 -52.22
C GLY A 791 -1.31 -49.46 -52.28
N TRP A 792 -2.39 -50.19 -52.63
CA TRP A 792 -2.42 -51.63 -52.67
C TRP A 792 -1.88 -52.15 -53.99
N CYS A 793 -0.98 -53.17 -53.93
CA CYS A 793 -0.40 -53.72 -55.13
C CYS A 793 -0.87 -55.14 -55.26
N GLN A 794 -1.65 -55.45 -56.32
CA GLN A 794 -2.35 -56.71 -56.42
C GLN A 794 -1.44 -57.90 -56.43
N SER A 795 -0.37 -57.91 -57.24
CA SER A 795 0.40 -59.11 -57.37
C SER A 795 1.01 -59.52 -56.07
N PRO A 796 1.64 -58.64 -55.33
CA PRO A 796 2.26 -59.03 -54.10
C PRO A 796 1.31 -59.44 -53.02
N GLY A 797 0.05 -58.98 -53.06
CA GLY A 797 -0.86 -59.30 -52.00
C GLY A 797 -0.50 -58.43 -50.84
N GLN A 798 0.27 -57.35 -51.14
CA GLN A 798 0.73 -56.44 -50.13
C GLN A 798 0.46 -55.04 -50.62
N CYS A 799 0.83 -54.03 -49.80
CA CYS A 799 0.50 -52.67 -50.09
C CYS A 799 1.71 -51.80 -49.90
N THR A 800 2.14 -51.10 -50.96
CA THR A 800 3.24 -50.18 -50.89
C THR A 800 3.13 -49.20 -52.02
N LEU A 801 4.04 -48.20 -52.04
CA LEU A 801 4.03 -47.14 -53.03
C LEU A 801 4.33 -47.73 -54.37
N ARG A 802 4.08 -46.93 -55.43
CA ARG A 802 4.32 -47.39 -56.76
C ARG A 802 5.78 -47.62 -56.91
N GLN A 803 6.58 -46.78 -56.22
CA GLN A 803 8.00 -46.85 -56.30
C GLN A 803 8.41 -48.24 -55.88
N HIS A 804 7.76 -48.73 -54.81
CA HIS A 804 8.01 -49.99 -54.17
C HIS A 804 7.48 -51.20 -54.91
N CYS A 805 6.50 -51.06 -55.83
CA CYS A 805 5.99 -52.29 -56.41
C CYS A 805 6.18 -52.26 -57.91
N PRO A 806 6.71 -53.33 -58.46
CA PRO A 806 7.01 -53.46 -59.87
C PRO A 806 5.78 -53.48 -60.72
N ALA A 807 5.82 -52.87 -61.93
CA ALA A 807 4.61 -52.86 -62.71
C ALA A 807 4.74 -53.78 -63.87
N HIS A 808 4.21 -55.01 -63.73
CA HIS A 808 4.16 -55.85 -64.88
C HIS A 808 3.06 -55.29 -65.72
N GLU A 809 1.95 -54.94 -65.04
CA GLU A 809 0.79 -54.39 -65.67
C GLU A 809 0.90 -52.93 -65.49
N SER A 810 0.08 -52.16 -66.24
CA SER A 810 0.16 -50.74 -66.16
C SER A 810 -0.28 -50.26 -64.82
N ARG A 811 -1.08 -51.07 -64.07
CA ARG A 811 -1.57 -50.52 -62.84
C ARG A 811 -1.33 -51.40 -61.61
N TRP A 812 -1.13 -50.72 -60.43
CA TRP A 812 -1.03 -50.94 -59.00
C TRP A 812 -2.25 -50.20 -58.58
N LEU A 813 -2.94 -50.58 -57.49
CA LEU A 813 -4.22 -49.94 -57.31
C LEU A 813 -4.21 -48.92 -56.21
N GLU A 814 -4.70 -47.71 -56.54
CA GLU A 814 -4.82 -46.65 -55.59
C GLU A 814 -6.21 -46.14 -55.69
N LEU A 815 -6.80 -45.78 -54.53
CA LEU A 815 -8.12 -45.25 -54.52
C LEU A 815 -8.01 -43.89 -55.13
N SER A 816 -8.52 -43.74 -56.37
CA SER A 816 -8.38 -42.57 -57.19
C SER A 816 -9.07 -41.41 -56.54
N GLY A 817 -10.07 -41.71 -55.71
CA GLY A 817 -10.91 -40.72 -55.09
C GLY A 817 -12.09 -41.51 -54.69
N ALA A 818 -11.77 -42.67 -54.12
CA ALA A 818 -12.68 -43.65 -53.60
C ALA A 818 -13.38 -44.41 -54.67
N ASN A 819 -13.09 -44.13 -55.95
CA ASN A 819 -13.82 -44.87 -56.95
C ASN A 819 -13.03 -46.11 -57.20
N SER A 820 -12.87 -46.95 -56.16
CA SER A 820 -12.04 -48.09 -56.36
C SER A 820 -12.65 -49.24 -55.62
N LYS A 821 -13.25 -50.21 -56.34
CA LYS A 821 -13.81 -51.35 -55.66
C LYS A 821 -12.66 -52.19 -55.20
N CYS A 822 -12.84 -52.90 -54.06
CA CYS A 822 -11.76 -53.65 -53.48
C CYS A 822 -12.17 -55.09 -53.48
N THR A 823 -11.73 -55.21 -50.21
CA THR A 823 -11.87 -56.63 -50.04
C THR A 823 -11.55 -57.10 -48.65
N ASN A 824 -11.96 -58.37 -48.38
CA ASN A 824 -11.75 -59.13 -47.17
C ASN A 824 -12.05 -58.40 -45.89
N PRO A 825 -13.28 -57.99 -45.65
CA PRO A 825 -13.64 -57.34 -44.43
C PRO A 825 -13.48 -58.27 -43.25
N ARG A 826 -13.04 -57.75 -42.08
CA ARG A 826 -12.88 -58.58 -40.91
C ARG A 826 -13.48 -57.89 -39.73
N ILE A 827 -13.96 -58.69 -38.75
CA ILE A 827 -14.54 -58.17 -37.55
C ILE A 827 -13.62 -58.53 -36.43
N THR A 828 -13.06 -57.53 -35.73
CA THR A 828 -12.23 -57.79 -34.59
C THR A 828 -13.05 -58.16 -33.38
N GLU A 829 -14.00 -57.28 -33.00
CA GLU A 829 -14.76 -57.49 -31.79
C GLU A 829 -15.93 -56.57 -31.78
N ILE A 830 -17.01 -56.94 -31.05
CA ILE A 830 -18.16 -56.08 -30.96
C ILE A 830 -18.59 -55.99 -29.52
N ILE A 831 -19.28 -54.87 -29.17
CA ILE A 831 -19.67 -54.53 -27.83
C ILE A 831 -21.13 -54.90 -27.69
N PRO A 832 -21.75 -54.64 -26.55
CA PRO A 832 -22.72 -55.60 -26.08
C PRO A 832 -22.67 -56.96 -26.73
N VAL A 833 -22.10 -57.91 -25.95
CA VAL A 833 -21.98 -59.30 -26.30
C VAL A 833 -23.33 -59.93 -26.25
N THR A 834 -24.16 -59.50 -25.27
CA THR A 834 -25.47 -60.07 -25.10
C THR A 834 -26.47 -59.01 -25.36
N GLY A 835 -27.75 -59.40 -25.56
CA GLY A 835 -28.78 -58.43 -25.81
C GLY A 835 -30.11 -59.06 -25.50
N PRO A 836 -31.12 -58.24 -25.42
CA PRO A 836 -32.45 -58.72 -25.16
C PRO A 836 -33.06 -59.24 -26.43
N ARG A 837 -33.98 -60.21 -26.31
CA ARG A 837 -34.67 -60.81 -27.40
C ARG A 837 -35.53 -59.78 -28.10
N GLU A 838 -36.10 -58.85 -27.34
CA GLU A 838 -36.98 -57.86 -27.91
C GLU A 838 -36.24 -57.00 -28.92
N GLY A 839 -34.93 -56.77 -28.72
CA GLY A 839 -34.17 -55.97 -29.65
C GLY A 839 -34.06 -54.56 -29.16
N GLY A 840 -33.64 -53.65 -30.07
CA GLY A 840 -33.51 -52.25 -29.76
C GLY A 840 -32.10 -51.96 -29.33
N THR A 841 -31.27 -53.00 -29.17
CA THR A 841 -29.93 -52.84 -28.67
C THR A 841 -29.09 -52.13 -29.68
N LYS A 842 -28.09 -51.37 -29.18
CA LYS A 842 -27.18 -50.72 -30.06
C LYS A 842 -25.93 -51.55 -30.07
N VAL A 843 -25.66 -52.22 -31.21
CA VAL A 843 -24.50 -53.06 -31.30
C VAL A 843 -23.37 -52.24 -31.86
N THR A 844 -22.17 -52.31 -31.23
CA THR A 844 -21.10 -51.53 -31.78
C THR A 844 -20.07 -52.47 -32.32
N ILE A 845 -19.95 -52.53 -33.66
CA ILE A 845 -19.06 -53.45 -34.31
C ILE A 845 -17.80 -52.73 -34.74
N ARG A 846 -16.62 -53.30 -34.41
CA ARG A 846 -15.36 -52.71 -34.79
C ARG A 846 -14.63 -53.69 -35.68
N GLY A 847 -14.24 -53.24 -36.90
CA GLY A 847 -13.58 -54.10 -37.87
C GLY A 847 -12.44 -53.33 -38.51
N GLU A 848 -11.66 -54.01 -39.40
CA GLU A 848 -10.56 -53.44 -40.16
C GLU A 848 -10.84 -52.91 -41.55
N ASN A 849 -11.49 -53.73 -42.42
CA ASN A 849 -11.61 -53.37 -43.82
C ASN A 849 -13.05 -53.36 -44.24
N LEU A 850 -13.78 -52.28 -43.91
CA LEU A 850 -15.18 -52.20 -44.20
C LEU A 850 -15.39 -51.28 -45.37
N GLY A 851 -16.66 -50.95 -45.67
CA GLY A 851 -17.02 -50.09 -46.77
C GLY A 851 -16.73 -48.67 -46.42
N LEU A 852 -16.45 -47.85 -47.47
CA LEU A 852 -16.16 -46.44 -47.33
C LEU A 852 -17.36 -45.56 -47.19
N GLU A 853 -18.54 -45.98 -47.72
CA GLU A 853 -19.74 -45.16 -47.64
C GLU A 853 -20.71 -45.83 -46.70
N PHE A 854 -21.61 -45.03 -46.09
CA PHE A 854 -22.60 -45.53 -45.18
C PHE A 854 -23.63 -46.30 -45.94
N ARG A 855 -24.00 -45.78 -47.12
CA ARG A 855 -25.10 -46.25 -47.90
C ARG A 855 -24.93 -47.69 -48.23
N ASP A 856 -23.69 -48.15 -48.49
CA ASP A 856 -23.46 -49.54 -48.78
C ASP A 856 -23.58 -50.45 -47.58
N ILE A 857 -23.11 -50.00 -46.40
CA ILE A 857 -23.14 -50.76 -45.18
C ILE A 857 -24.56 -50.89 -44.72
N ALA A 858 -25.38 -49.85 -44.90
CA ALA A 858 -26.73 -49.97 -44.48
C ALA A 858 -27.33 -51.11 -45.24
N SER A 859 -28.17 -51.91 -44.54
CA SER A 859 -28.82 -53.07 -45.07
C SER A 859 -27.87 -54.24 -45.13
N HIS A 860 -26.57 -53.98 -44.89
CA HIS A 860 -25.55 -54.98 -44.92
C HIS A 860 -25.51 -55.80 -43.66
N VAL A 861 -25.76 -55.13 -42.52
CA VAL A 861 -25.57 -55.72 -41.21
C VAL A 861 -26.70 -56.64 -40.89
N LYS A 862 -26.37 -57.81 -40.32
CA LYS A 862 -27.36 -58.75 -39.88
C LYS A 862 -26.80 -59.52 -38.72
N VAL A 863 -27.65 -59.85 -37.73
CA VAL A 863 -27.19 -60.68 -36.65
C VAL A 863 -27.85 -62.00 -36.89
N ALA A 864 -27.15 -62.94 -37.56
CA ALA A 864 -27.86 -64.14 -37.89
C ALA A 864 -28.90 -63.69 -38.86
N GLY A 865 -30.14 -64.19 -38.72
CA GLY A 865 -31.23 -63.80 -39.56
C GLY A 865 -31.67 -62.38 -39.31
N VAL A 866 -31.60 -61.90 -38.04
CA VAL A 866 -32.21 -60.65 -37.61
C VAL A 866 -31.63 -59.46 -38.32
N GLU A 867 -32.51 -58.61 -38.87
CA GLU A 867 -32.10 -57.44 -39.59
C GLU A 867 -31.69 -56.38 -38.62
N CYS A 868 -30.55 -55.71 -38.90
CA CYS A 868 -30.05 -54.72 -38.00
C CYS A 868 -29.86 -53.46 -38.80
N SER A 869 -30.34 -52.31 -38.25
CA SER A 869 -30.27 -51.07 -38.97
C SER A 869 -29.20 -50.20 -38.38
N PRO A 870 -28.27 -49.79 -39.20
CA PRO A 870 -27.14 -48.99 -38.77
C PRO A 870 -27.45 -47.53 -38.59
N LEU A 871 -26.65 -46.83 -37.73
CA LEU A 871 -26.83 -45.43 -37.44
C LEU A 871 -25.78 -44.63 -38.17
N VAL A 872 -26.20 -43.54 -38.85
CA VAL A 872 -25.29 -42.76 -39.64
C VAL A 872 -24.27 -42.02 -38.83
N ASP A 873 -24.71 -41.28 -37.78
CA ASP A 873 -23.83 -40.41 -37.02
C ASP A 873 -22.79 -41.21 -36.32
N GLY A 874 -23.19 -42.35 -35.76
CA GLY A 874 -22.41 -43.26 -34.97
C GLY A 874 -21.35 -43.96 -35.77
N TYR A 875 -21.52 -44.02 -37.10
CA TYR A 875 -20.69 -44.82 -37.96
C TYR A 875 -19.45 -44.10 -38.41
N ILE A 876 -18.29 -44.72 -38.11
CA ILE A 876 -16.99 -44.20 -38.50
C ILE A 876 -16.53 -45.12 -39.58
N PRO A 877 -16.26 -44.56 -40.74
CA PRO A 877 -16.01 -45.35 -41.91
C PRO A 877 -14.86 -46.32 -41.88
N ALA A 878 -15.16 -47.58 -42.27
CA ALA A 878 -14.28 -48.70 -42.39
C ALA A 878 -13.69 -49.10 -41.06
N GLU A 879 -13.86 -48.29 -39.99
CA GLU A 879 -13.41 -48.69 -38.69
C GLU A 879 -14.49 -49.31 -37.84
N GLN A 880 -15.70 -48.69 -37.82
CA GLN A 880 -16.67 -49.10 -36.85
C GLN A 880 -18.07 -48.83 -37.33
N ILE A 881 -19.01 -49.74 -36.97
CA ILE A 881 -20.39 -49.57 -37.33
C ILE A 881 -21.21 -49.69 -36.09
N VAL A 882 -22.12 -48.72 -35.86
CA VAL A 882 -23.03 -48.79 -34.75
C VAL A 882 -24.35 -49.17 -35.36
N CYS A 883 -24.99 -50.22 -34.85
CA CYS A 883 -26.20 -50.67 -35.49
C CYS A 883 -27.24 -51.01 -34.47
N GLU A 884 -28.53 -50.81 -34.82
CA GLU A 884 -29.55 -51.14 -33.86
C GLU A 884 -30.29 -52.36 -34.35
N MET A 885 -30.37 -53.38 -33.48
CA MET A 885 -31.00 -54.64 -33.81
C MET A 885 -32.49 -54.54 -33.71
N GLY A 886 -33.19 -55.32 -34.56
CA GLY A 886 -34.62 -55.36 -34.58
C GLY A 886 -35.13 -56.48 -33.72
N GLU A 887 -36.44 -56.81 -33.85
CA GLU A 887 -37.06 -57.81 -33.02
C GLU A 887 -36.56 -59.20 -33.34
N ALA A 888 -35.94 -59.80 -32.30
CA ALA A 888 -35.31 -61.07 -32.10
C ALA A 888 -36.16 -62.27 -31.83
N LYS A 889 -37.49 -62.12 -31.75
CA LYS A 889 -38.39 -63.18 -31.36
C LYS A 889 -38.01 -64.53 -32.02
N PRO A 890 -37.26 -64.63 -33.13
CA PRO A 890 -36.85 -65.89 -33.71
C PRO A 890 -36.25 -66.95 -32.81
N SER A 891 -36.23 -68.22 -33.26
CA SER A 891 -35.87 -69.39 -32.49
C SER A 891 -34.41 -69.53 -32.12
N GLN A 892 -33.48 -68.78 -32.75
CA GLN A 892 -32.06 -68.99 -32.62
C GLN A 892 -31.43 -68.82 -31.26
N HIS A 893 -31.81 -67.85 -30.41
CA HIS A 893 -31.08 -67.76 -29.16
C HIS A 893 -29.70 -67.13 -29.35
N ALA A 894 -28.76 -67.72 -30.13
CA ALA A 894 -27.47 -67.10 -30.32
C ALA A 894 -27.13 -67.13 -31.79
N GLY A 895 -26.43 -66.08 -32.31
CA GLY A 895 -26.13 -66.09 -33.72
C GLY A 895 -24.95 -65.21 -34.00
N PHE A 896 -24.24 -65.50 -35.11
CA PHE A 896 -23.04 -64.79 -35.51
C PHE A 896 -23.45 -63.54 -36.24
N VAL A 897 -22.57 -62.52 -36.21
CA VAL A 897 -22.85 -61.26 -36.84
C VAL A 897 -22.23 -61.23 -38.20
N GLU A 898 -22.96 -60.68 -39.19
CA GLU A 898 -22.47 -60.65 -40.54
C GLU A 898 -22.57 -59.27 -41.11
N ILE A 899 -21.54 -58.86 -41.87
CA ILE A 899 -21.58 -57.61 -42.58
C ILE A 899 -21.26 -57.88 -44.02
N CYS A 900 -22.10 -57.40 -44.95
CA CYS A 900 -21.84 -57.55 -46.36
C CYS A 900 -21.56 -56.19 -46.88
N VAL A 901 -20.36 -55.90 -47.42
CA VAL A 901 -20.01 -54.54 -47.70
C VAL A 901 -21.01 -53.81 -48.58
N ALA A 902 -21.09 -54.09 -49.89
CA ALA A 902 -22.21 -53.66 -50.72
C ALA A 902 -23.18 -54.77 -50.93
N VAL A 903 -22.61 -55.93 -51.31
CA VAL A 903 -23.33 -57.10 -51.72
C VAL A 903 -22.73 -58.24 -50.97
N CYS A 904 -23.54 -59.27 -50.67
CA CYS A 904 -22.99 -60.35 -49.90
C CYS A 904 -22.24 -61.24 -50.84
N ARG A 905 -21.10 -60.76 -51.36
CA ARG A 905 -20.32 -61.56 -52.27
C ARG A 905 -19.47 -62.44 -51.41
N PRO A 906 -19.00 -63.55 -51.93
CA PRO A 906 -18.23 -64.49 -51.18
C PRO A 906 -16.92 -63.95 -50.64
N GLU A 907 -16.26 -63.06 -51.38
CA GLU A 907 -15.03 -62.44 -50.95
C GLU A 907 -15.31 -61.34 -49.94
N PHE A 908 -16.44 -60.65 -50.16
CA PHE A 908 -16.98 -59.48 -49.53
C PHE A 908 -17.65 -59.64 -48.18
N MET A 909 -17.74 -60.84 -47.58
CA MET A 909 -18.48 -60.91 -46.34
C MET A 909 -17.60 -61.21 -45.16
N ALA A 910 -18.01 -60.70 -43.96
CA ALA A 910 -17.26 -60.93 -42.76
C ALA A 910 -18.19 -61.48 -41.71
N ARG A 911 -17.70 -62.43 -40.89
CA ARG A 911 -18.50 -62.99 -39.84
C ARG A 911 -17.74 -62.87 -38.56
N SER A 912 -18.47 -62.64 -37.45
CA SER A 912 -17.84 -62.40 -36.17
C SER A 912 -17.22 -63.64 -35.63
N SER A 913 -16.07 -63.48 -34.95
CA SER A 913 -15.32 -64.57 -34.38
C SER A 913 -16.13 -65.22 -33.28
N GLN A 914 -16.77 -64.39 -32.43
CA GLN A 914 -17.60 -64.85 -31.35
C GLN A 914 -18.99 -64.41 -31.67
N LEU A 915 -20.00 -65.18 -31.23
CA LEU A 915 -21.38 -64.93 -31.54
C LEU A 915 -22.03 -64.05 -30.51
N TYR A 916 -23.08 -63.33 -30.96
CA TYR A 916 -23.92 -62.45 -30.20
C TYR A 916 -24.93 -63.32 -29.53
N TYR A 917 -25.21 -63.07 -28.23
CA TYR A 917 -26.09 -63.96 -27.52
C TYR A 917 -27.34 -63.24 -27.12
N PHE A 918 -28.50 -63.91 -27.32
CA PHE A 918 -29.77 -63.30 -27.01
C PHE A 918 -30.27 -63.92 -25.73
N MET A 919 -30.81 -63.09 -24.82
CA MET A 919 -31.34 -63.67 -23.62
C MET A 919 -32.52 -62.85 -23.19
#